data_2I79
#
_entry.id   2I79
#
_cell.length_a   133.131
_cell.length_b   174.792
_cell.length_c   56.573
_cell.angle_alpha   90.00
_cell.angle_beta   90.00
_cell.angle_gamma   90.00
#
_symmetry.space_group_name_H-M   'P 21 21 2'
#
loop_
_entity.id
_entity.type
_entity.pdbx_description
1 polymer 'Acetyltransferase, GNAT family'
2 non-polymer 'ACETYL COENZYME *A'
3 water water
#
_entity_poly.entity_id   1
_entity_poly.type   'polypeptide(L)'
_entity_poly.pdbx_seq_one_letter_code
;MEYELLIREAEPKDAAELVAFLNRVSLETDFTSLDGDGILLTSEEMEIFLNKQASSDNQITLLAFLNGKIAGIVNITADQ
RKRVRHIGDLFIVIGKRYWNNGLGSLLLEEAIEWAQASGILRRLQLTVQTRNQAAVHLYQKHGFVIEGSQERGAYIEEGK
FIDVYLMGKLIG
;
_entity_poly.pdbx_strand_id   A,B,C,D,E,F
#
# COMPACT_ATOMS: atom_id res chain seq x y z
N MET A 1 7.13 24.22 11.49
CA MET A 1 8.39 23.37 11.42
C MET A 1 8.47 22.41 12.62
N GLU A 2 8.11 21.14 12.40
CA GLU A 2 7.94 20.13 13.48
C GLU A 2 8.41 18.72 13.09
N TYR A 3 9.26 18.10 13.91
CA TYR A 3 9.69 16.70 13.69
C TYR A 3 10.31 16.06 14.90
N GLU A 4 10.40 14.75 14.83
CA GLU A 4 11.07 13.97 15.82
C GLU A 4 12.20 13.19 15.14
N LEU A 5 13.41 13.28 15.70
CA LEU A 5 14.60 12.60 15.13
C LEU A 5 15.22 11.62 16.12
N LEU A 6 15.49 10.41 15.70
CA LEU A 6 16.39 9.51 16.46
C LEU A 6 17.50 8.97 15.53
N ILE A 7 18.75 9.09 15.96
CA ILE A 7 19.85 8.40 15.30
C ILE A 7 20.45 7.42 16.30
N ARG A 8 20.54 6.16 15.89
CA ARG A 8 21.15 5.10 16.72
C ARG A 8 21.54 3.88 15.90
N GLU A 9 22.36 3.03 16.51
CA GLU A 9 22.75 1.75 15.92
C GLU A 9 21.54 0.88 15.66
N ALA A 10 21.51 0.22 14.50
CA ALA A 10 20.45 -0.74 14.17
C ALA A 10 20.48 -1.92 15.14
N GLU A 11 19.29 -2.42 15.50
CA GLU A 11 19.16 -3.67 16.28
C GLU A 11 18.36 -4.71 15.49
N PRO A 12 18.57 -6.01 15.81
CA PRO A 12 17.80 -7.07 15.11
C PRO A 12 16.30 -6.80 15.02
N LYS A 13 15.72 -6.16 16.03
CA LYS A 13 14.31 -5.75 15.99
C LYS A 13 13.89 -4.82 14.82
N ASP A 14 14.87 -4.07 14.27
CA ASP A 14 14.63 -3.20 13.14
C ASP A 14 14.57 -3.91 11.76
N ALA A 15 14.86 -5.21 11.71
CA ALA A 15 15.05 -5.93 10.43
C ALA A 15 13.97 -5.66 9.36
N ALA A 16 12.71 -5.76 9.75
CA ALA A 16 11.58 -5.68 8.83
C ALA A 16 11.45 -4.27 8.28
N GLU A 17 11.57 -3.28 9.17
CA GLU A 17 11.48 -1.87 8.75
C GLU A 17 12.66 -1.49 7.88
N LEU A 18 13.84 -2.02 8.20
CA LEU A 18 15.04 -1.74 7.42
C LEU A 18 14.94 -2.37 6.04
N VAL A 19 14.40 -3.59 5.93
CA VAL A 19 14.16 -4.20 4.63
C VAL A 19 13.20 -3.32 3.83
N ALA A 20 12.14 -2.86 4.49
CA ALA A 20 11.12 -2.04 3.87
C ALA A 20 11.70 -0.73 3.32
N PHE A 21 12.51 -0.06 4.15
CA PHE A 21 13.17 1.17 3.75
C PHE A 21 14.13 0.96 2.57
N LEU A 22 14.88 -0.13 2.59
CA LEU A 22 15.87 -0.34 1.54
C LEU A 22 15.18 -0.64 0.22
N ASN A 23 14.06 -1.35 0.29
CA ASN A 23 13.24 -1.59 -0.89
C ASN A 23 12.64 -0.29 -1.43
N ARG A 24 12.25 0.58 -0.53
CA ARG A 24 11.74 1.90 -0.94
C ARG A 24 12.79 2.69 -1.70
N VAL A 25 13.97 2.88 -1.11
CA VAL A 25 15.00 3.72 -1.74
C VAL A 25 15.60 3.09 -3.00
N SER A 26 15.56 1.78 -3.10
CA SER A 26 16.09 1.10 -4.30
C SER A 26 15.31 1.49 -5.60
N LEU A 27 14.09 2.02 -5.42
CA LEU A 27 13.18 2.43 -6.46
C LEU A 27 13.22 3.93 -6.74
N GLU A 28 13.87 4.69 -5.85
CA GLU A 28 13.89 6.15 -5.95
C GLU A 28 14.99 6.65 -6.89
N THR A 29 16.13 5.99 -6.95
CA THR A 29 17.21 6.42 -7.85
C THR A 29 17.88 5.21 -8.42
N ASP A 30 18.70 5.45 -9.44
CA ASP A 30 19.66 4.42 -9.88
C ASP A 30 21.13 4.83 -9.61
N PHE A 31 21.34 5.58 -8.52
CA PHE A 31 22.64 6.08 -8.12
C PHE A 31 23.52 5.06 -7.38
N THR A 32 22.91 3.97 -6.92
CA THR A 32 23.65 2.91 -6.25
C THR A 32 23.36 1.56 -6.89
N SER A 33 23.95 0.51 -6.36
CA SER A 33 23.80 -0.82 -6.96
C SER A 33 22.40 -1.40 -6.71
N LEU A 34 21.69 -0.83 -5.73
CA LEU A 34 20.25 -1.05 -5.56
C LEU A 34 19.50 -0.71 -6.85
N ASP A 35 18.59 -1.59 -7.24
CA ASP A 35 17.70 -1.39 -8.37
C ASP A 35 16.30 -1.90 -8.05
N GLY A 36 15.45 -1.93 -9.08
CA GLY A 36 14.05 -2.28 -8.93
C GLY A 36 13.76 -3.64 -8.31
N ASP A 37 14.69 -4.58 -8.48
CA ASP A 37 14.60 -5.87 -7.81
C ASP A 37 14.63 -5.73 -6.27
N GLY A 38 15.13 -4.61 -5.76
CA GLY A 38 15.15 -4.37 -4.34
C GLY A 38 16.31 -5.03 -3.62
N ILE A 39 16.22 -5.06 -2.30
CA ILE A 39 17.32 -5.49 -1.45
C ILE A 39 17.54 -7.02 -1.48
N LEU A 40 16.54 -7.79 -1.86
CA LEU A 40 16.69 -9.24 -2.08
C LEU A 40 16.97 -10.06 -0.77
N LEU A 41 16.52 -9.51 0.35
CA LEU A 41 16.70 -10.11 1.67
C LEU A 41 15.36 -10.09 2.38
N THR A 42 14.99 -11.22 2.97
CA THR A 42 13.81 -11.30 3.81
C THR A 42 14.11 -10.63 5.16
N SER A 43 13.06 -10.34 5.93
CA SER A 43 13.24 -9.76 7.26
C SER A 43 14.13 -10.66 8.12
N GLU A 44 13.98 -11.97 7.93
CA GLU A 44 14.72 -12.98 8.70
C GLU A 44 16.21 -12.94 8.37
N GLU A 45 16.52 -12.89 7.09
CA GLU A 45 17.89 -12.70 6.63
C GLU A 45 18.53 -11.36 7.06
N MET A 46 17.73 -10.30 7.13
CA MET A 46 18.28 -9.02 7.58
C MET A 46 18.68 -9.10 9.06
N GLU A 47 17.90 -9.83 9.84
CA GLU A 47 18.12 -9.99 11.29
C GLU A 47 19.53 -10.59 11.56
N ILE A 48 19.94 -11.56 10.74
CA ILE A 48 21.32 -12.09 10.74
C ILE A 48 22.35 -10.98 10.45
N PHE A 49 22.24 -10.37 9.28
CA PHE A 49 23.11 -9.26 8.98
C PHE A 49 23.25 -8.27 10.17
N LEU A 50 22.11 -7.92 10.78
CA LEU A 50 22.11 -6.89 11.84
C LEU A 50 22.81 -7.36 13.13
N ASN A 51 22.66 -8.63 13.49
CA ASN A 51 23.42 -9.23 14.59
C ASN A 51 24.95 -9.13 14.35
N LYS A 52 25.40 -9.55 13.16
CA LYS A 52 26.81 -9.41 12.77
C LYS A 52 27.36 -7.99 12.91
N GLN A 53 26.67 -7.00 12.32
CA GLN A 53 27.11 -5.58 12.42
C GLN A 53 27.29 -5.13 13.89
N ALA A 54 26.31 -5.43 14.75
CA ALA A 54 26.40 -5.08 16.18
C ALA A 54 27.52 -5.85 16.88
N SER A 55 27.76 -7.08 16.46
CA SER A 55 28.73 -7.96 17.12
C SER A 55 30.15 -7.85 16.57
N SER A 56 30.35 -7.03 15.54
CA SER A 56 31.63 -6.86 14.86
C SER A 56 32.22 -5.53 15.31
N ASP A 57 33.52 -5.49 15.55
CA ASP A 57 34.11 -4.27 16.10
C ASP A 57 34.59 -3.28 15.03
N ASN A 58 34.59 -3.66 13.76
CA ASN A 58 35.03 -2.78 12.69
C ASN A 58 33.91 -2.54 11.65
N GLN A 59 32.69 -2.93 12.00
CA GLN A 59 31.56 -2.67 11.15
C GLN A 59 30.43 -2.04 11.96
N ILE A 60 29.50 -1.35 11.27
CA ILE A 60 28.34 -0.75 11.91
C ILE A 60 27.25 -0.37 10.92
N THR A 61 26.00 -0.45 11.38
CA THR A 61 24.85 0.10 10.69
C THR A 61 24.12 1.06 11.62
N LEU A 62 24.02 2.32 11.20
CA LEU A 62 23.31 3.38 11.92
C LEU A 62 22.06 3.78 11.18
N LEU A 63 20.97 3.96 11.94
CA LEU A 63 19.69 4.32 11.39
C LEU A 63 19.25 5.72 11.87
N ALA A 64 18.57 6.47 10.99
CA ALA A 64 17.88 7.70 11.36
C ALA A 64 16.39 7.46 11.24
N PHE A 65 15.67 7.65 12.35
CA PHE A 65 14.22 7.66 12.36
C PHE A 65 13.74 9.11 12.37
N LEU A 66 12.89 9.45 11.40
CA LEU A 66 12.18 10.71 11.36
C LEU A 66 10.73 10.41 11.60
N ASN A 67 10.18 11.04 12.64
CA ASN A 67 8.81 10.80 13.06
C ASN A 67 8.48 9.30 13.23
N GLY A 68 9.39 8.57 13.85
CA GLY A 68 9.20 7.13 14.12
C GLY A 68 9.41 6.18 12.95
N LYS A 69 9.79 6.69 11.77
CA LYS A 69 10.07 5.83 10.62
C LYS A 69 11.50 6.04 10.13
N ILE A 70 12.17 4.95 9.74
CA ILE A 70 13.51 5.02 9.15
C ILE A 70 13.50 5.93 7.94
N ALA A 71 14.35 6.97 8.00
CA ALA A 71 14.50 7.95 6.95
C ALA A 71 15.86 7.85 6.21
N GLY A 72 16.84 7.20 6.85
CA GLY A 72 18.18 7.08 6.31
C GLY A 72 19.02 6.02 6.99
N ILE A 73 20.04 5.53 6.30
CA ILE A 73 20.99 4.58 6.88
C ILE A 73 22.41 4.89 6.45
N VAL A 74 23.35 4.66 7.34
CA VAL A 74 24.76 4.64 6.98
C VAL A 74 25.31 3.28 7.41
N ASN A 75 26.07 2.67 6.50
CA ASN A 75 26.58 1.34 6.69
C ASN A 75 28.10 1.39 6.54
N ILE A 76 28.81 0.88 7.53
CA ILE A 76 30.22 0.55 7.34
C ILE A 76 30.40 -0.96 7.34
N THR A 77 31.02 -1.43 6.27
CA THR A 77 31.31 -2.83 6.03
C THR A 77 32.83 -2.99 5.96
N ALA A 78 33.33 -4.19 6.26
CA ALA A 78 34.78 -4.41 6.34
C ALA A 78 35.13 -5.89 6.34
N ASP A 79 36.23 -6.23 5.68
CA ASP A 79 36.84 -7.56 5.77
C ASP A 79 37.59 -7.74 7.06
N GLN A 80 37.86 -9.00 7.41
CA GLN A 80 38.43 -9.33 8.72
C GLN A 80 39.90 -9.71 8.71
N ARG A 81 40.48 -10.00 7.54
CA ARG A 81 41.93 -10.24 7.43
C ARG A 81 42.76 -9.00 7.76
N LYS A 82 43.88 -9.20 8.45
CA LYS A 82 44.62 -8.05 8.96
C LYS A 82 45.21 -7.14 7.87
N ARG A 83 45.42 -7.69 6.66
CA ARG A 83 45.86 -6.86 5.54
C ARG A 83 44.94 -5.65 5.33
N VAL A 84 43.64 -5.83 5.51
CA VAL A 84 42.60 -4.88 5.12
C VAL A 84 41.54 -4.56 6.20
N ARG A 85 41.75 -5.07 7.41
CA ARG A 85 40.79 -4.96 8.52
C ARG A 85 40.49 -3.50 8.97
N HIS A 86 41.40 -2.59 8.63
CA HIS A 86 41.34 -1.17 8.99
C HIS A 86 40.58 -0.30 7.99
N ILE A 87 40.06 -0.93 6.93
CA ILE A 87 39.34 -0.26 5.85
C ILE A 87 37.82 -0.53 5.93
N GLY A 88 37.05 0.52 6.12
CA GLY A 88 35.58 0.45 6.12
C GLY A 88 35.04 0.98 4.81
N ASP A 89 34.21 0.15 4.18
CA ASP A 89 33.50 0.54 2.97
C ASP A 89 32.21 1.18 3.39
N LEU A 90 32.01 2.42 2.97
CA LEU A 90 30.88 3.22 3.41
C LEU A 90 29.72 3.16 2.38
N PHE A 91 28.49 3.10 2.90
CA PHE A 91 27.25 3.21 2.12
C PHE A 91 26.25 4.08 2.89
N ILE A 92 25.69 5.11 2.24
CA ILE A 92 24.61 5.95 2.82
C ILE A 92 23.45 6.12 1.84
N VAL A 93 22.22 6.02 2.32
CA VAL A 93 21.08 6.37 1.50
C VAL A 93 20.01 7.00 2.37
N ILE A 94 19.40 8.07 1.84
CA ILE A 94 18.33 8.83 2.49
C ILE A 94 17.10 8.74 1.58
N GLY A 95 15.91 8.62 2.18
CA GLY A 95 14.67 8.70 1.41
C GLY A 95 14.61 10.02 0.69
N LYS A 96 14.21 9.97 -0.58
CA LYS A 96 14.24 11.10 -1.47
C LYS A 96 13.46 12.26 -0.88
N ARG A 97 12.28 11.93 -0.36
CA ARG A 97 11.40 12.90 0.32
C ARG A 97 12.15 13.77 1.36
N TYR A 98 13.27 13.28 1.94
CA TYR A 98 14.00 14.01 2.99
C TYR A 98 15.36 14.59 2.60
N TRP A 99 15.69 14.54 1.32
CA TRP A 99 16.93 15.10 0.85
C TRP A 99 17.07 16.61 1.15
N ASN A 100 18.33 17.03 1.23
CA ASN A 100 18.72 18.42 1.39
C ASN A 100 18.13 19.12 2.60
N ASN A 101 18.11 18.39 3.71
CA ASN A 101 17.74 18.94 4.99
C ASN A 101 18.85 18.73 6.03
N GLY A 102 20.00 18.19 5.60
CA GLY A 102 21.11 17.93 6.52
C GLY A 102 21.18 16.50 7.07
N LEU A 103 20.26 15.62 6.70
CA LEU A 103 20.23 14.30 7.34
C LEU A 103 21.43 13.43 6.93
N GLY A 104 21.73 13.41 5.63
CA GLY A 104 22.93 12.75 5.10
C GLY A 104 24.21 13.15 5.83
N SER A 105 24.40 14.45 6.08
CA SER A 105 25.57 14.94 6.81
C SER A 105 25.65 14.48 8.25
N LEU A 106 24.52 14.56 8.95
CA LEU A 106 24.47 14.11 10.34
C LEU A 106 24.88 12.62 10.48
N LEU A 107 24.37 11.80 9.58
CA LEU A 107 24.64 10.35 9.55
C LEU A 107 26.09 10.08 9.16
N LEU A 108 26.57 10.76 8.11
CA LEU A 108 27.97 10.63 7.71
C LEU A 108 28.89 11.00 8.87
N GLU A 109 28.58 12.08 9.58
CA GLU A 109 29.47 12.51 10.68
C GLU A 109 29.44 11.55 11.83
N GLU A 110 28.28 11.00 12.13
CA GLU A 110 28.18 10.00 13.19
C GLU A 110 28.97 8.74 12.84
N ALA A 111 28.90 8.35 11.58
CA ALA A 111 29.62 7.18 11.11
C ALA A 111 31.12 7.43 11.24
N ILE A 112 31.58 8.61 10.82
CA ILE A 112 33.00 8.96 10.89
C ILE A 112 33.52 8.98 12.35
N GLU A 113 32.71 9.51 13.24
CA GLU A 113 33.04 9.57 14.65
C GLU A 113 33.15 8.17 15.25
N TRP A 114 32.20 7.29 14.92
CA TRP A 114 32.27 5.90 15.37
C TRP A 114 33.56 5.26 14.81
N ALA A 115 33.85 5.50 13.53
CA ALA A 115 34.99 4.86 12.89
C ALA A 115 36.28 5.28 13.60
N GLN A 116 36.38 6.56 13.90
CA GLN A 116 37.49 7.12 14.69
C GLN A 116 37.63 6.46 16.06
N ALA A 117 36.52 6.29 16.77
CA ALA A 117 36.59 5.75 18.13
C ALA A 117 36.90 4.24 18.17
N SER A 118 36.59 3.51 17.09
CA SER A 118 36.70 2.06 17.06
C SER A 118 38.10 1.52 17.37
N GLY A 119 39.13 2.30 17.05
CA GLY A 119 40.50 1.88 17.27
C GLY A 119 41.01 0.87 16.24
N ILE A 120 40.20 0.56 15.24
CA ILE A 120 40.53 -0.46 14.24
C ILE A 120 40.52 0.19 12.84
N LEU A 121 39.47 0.94 12.53
CA LEU A 121 39.37 1.53 11.22
C LEU A 121 40.34 2.69 11.16
N ARG A 122 41.16 2.69 10.10
CA ARG A 122 42.07 3.79 9.78
C ARG A 122 41.83 4.35 8.36
N ARG A 123 40.79 3.88 7.70
CA ARG A 123 40.43 4.36 6.36
C ARG A 123 38.94 4.07 6.09
N LEU A 124 38.26 5.06 5.50
CA LEU A 124 36.93 4.90 4.93
C LEU A 124 36.99 5.17 3.42
N GLN A 125 36.18 4.43 2.68
CA GLN A 125 36.19 4.51 1.24
C GLN A 125 34.85 4.10 0.65
N LEU A 126 34.62 4.58 -0.57
CA LEU A 126 33.49 4.19 -1.40
C LEU A 126 33.82 4.53 -2.83
N THR A 127 32.93 4.11 -3.72
CA THR A 127 32.92 4.55 -5.09
C THR A 127 31.55 5.21 -5.27
N VAL A 128 31.51 6.24 -6.10
CA VAL A 128 30.33 7.08 -6.33
C VAL A 128 30.24 7.38 -7.84
N GLN A 129 29.07 7.26 -8.45
CA GLN A 129 28.93 7.58 -9.87
C GLN A 129 29.34 9.06 -10.09
N THR A 130 30.12 9.33 -11.12
CA THR A 130 30.66 10.70 -11.26
C THR A 130 29.52 11.73 -11.42
N ARG A 131 28.44 11.31 -12.08
CA ARG A 131 27.25 12.15 -12.22
C ARG A 131 26.46 12.39 -10.94
N ASN A 132 26.70 11.59 -9.89
CA ASN A 132 25.95 11.75 -8.63
C ASN A 132 26.54 12.90 -7.78
N GLN A 133 26.37 14.14 -8.25
CA GLN A 133 27.13 15.26 -7.69
C GLN A 133 26.75 15.67 -6.26
N ALA A 134 25.49 15.43 -5.89
CA ALA A 134 25.04 15.62 -4.52
C ALA A 134 25.91 14.79 -3.59
N ALA A 135 26.08 13.52 -3.96
CA ALA A 135 26.90 12.58 -3.19
C ALA A 135 28.37 12.98 -3.23
N VAL A 136 28.85 13.40 -4.40
CA VAL A 136 30.25 13.73 -4.52
C VAL A 136 30.52 14.92 -3.63
N HIS A 137 29.58 15.87 -3.61
CA HIS A 137 29.66 17.03 -2.74
C HIS A 137 29.60 16.70 -1.23
N LEU A 138 28.65 15.84 -0.87
CA LEU A 138 28.43 15.52 0.52
C LEU A 138 29.72 14.92 1.06
N TYR A 139 30.27 13.93 0.36
CA TYR A 139 31.48 13.28 0.82
C TYR A 139 32.70 14.24 0.90
N GLN A 140 32.89 15.10 -0.10
CA GLN A 140 33.98 16.10 -0.06
C GLN A 140 33.86 16.97 1.18
N LYS A 141 32.64 17.41 1.50
CA LYS A 141 32.39 18.18 2.70
C LYS A 141 32.96 17.53 3.97
N HIS A 142 32.98 16.20 4.03
CA HIS A 142 33.38 15.52 5.25
C HIS A 142 34.77 14.97 5.14
N GLY A 143 35.56 15.50 4.23
CA GLY A 143 36.99 15.17 4.17
C GLY A 143 37.38 14.01 3.25
N PHE A 144 36.44 13.53 2.46
CA PHE A 144 36.76 12.51 1.46
C PHE A 144 37.34 13.17 0.22
N VAL A 145 38.39 12.57 -0.34
CA VAL A 145 39.01 13.09 -1.55
C VAL A 145 38.87 12.07 -2.68
N ILE A 146 38.87 12.54 -3.91
CA ILE A 146 38.79 11.68 -5.08
C ILE A 146 40.18 11.12 -5.36
N GLU A 147 40.28 9.81 -5.39
CA GLU A 147 41.55 9.10 -5.52
C GLU A 147 41.70 8.45 -6.87
N GLY A 148 40.69 8.59 -7.72
CA GLY A 148 40.68 7.88 -8.98
C GLY A 148 39.31 7.85 -9.62
N SER A 149 39.25 7.30 -10.81
CA SER A 149 37.98 7.09 -11.49
C SER A 149 38.07 5.89 -12.41
N GLN A 150 36.92 5.25 -12.59
CA GLN A 150 36.84 3.95 -13.25
C GLN A 150 35.71 3.98 -14.30
N GLU A 151 36.11 3.74 -15.52
CA GLU A 151 35.20 3.62 -16.64
C GLU A 151 34.43 2.27 -16.56
N ARG A 152 33.14 2.32 -16.86
CA ARG A 152 32.21 1.21 -16.69
C ARG A 152 32.12 0.77 -15.22
N GLY A 153 32.26 1.69 -14.28
CA GLY A 153 32.05 1.37 -12.89
C GLY A 153 30.62 0.98 -12.57
N ALA A 154 29.70 1.40 -13.41
CA ALA A 154 28.28 1.15 -13.21
C ALA A 154 27.57 1.02 -14.57
N TYR A 155 26.50 0.24 -14.56
CA TYR A 155 25.65 0.02 -15.71
C TYR A 155 24.23 0.53 -15.39
N ILE A 156 23.68 1.41 -16.23
CA ILE A 156 22.33 1.97 -15.99
C ILE A 156 21.46 1.89 -17.23
N GLU A 157 20.16 2.08 -17.04
CA GLU A 157 19.22 2.32 -18.15
C GLU A 157 19.26 1.22 -19.23
N GLU A 158 19.59 0.01 -18.82
CA GLU A 158 19.61 -1.13 -19.75
C GLU A 158 20.44 -0.74 -21.00
N GLY A 159 21.75 -0.50 -20.80
CA GLY A 159 22.66 -0.25 -21.93
C GLY A 159 23.69 0.87 -21.79
N LYS A 160 23.60 1.69 -20.74
CA LYS A 160 24.52 2.80 -20.60
C LYS A 160 25.55 2.51 -19.51
N PHE A 161 26.82 2.39 -19.90
CA PHE A 161 27.92 2.39 -18.93
C PHE A 161 28.33 3.78 -18.51
N ILE A 162 28.58 3.95 -17.22
CA ILE A 162 29.00 5.23 -16.69
C ILE A 162 30.20 5.05 -15.75
N ASP A 163 30.90 6.15 -15.54
CA ASP A 163 32.08 6.21 -14.67
C ASP A 163 31.71 6.43 -13.20
N VAL A 164 32.62 5.95 -12.35
CA VAL A 164 32.60 6.17 -10.90
C VAL A 164 33.89 6.82 -10.41
N TYR A 165 33.78 7.61 -9.35
CA TYR A 165 34.92 8.05 -8.59
C TYR A 165 35.19 7.05 -7.48
N LEU A 166 36.47 6.79 -7.25
CA LEU A 166 36.97 6.23 -6.01
C LEU A 166 37.21 7.36 -5.01
N MET A 167 36.60 7.27 -3.83
CA MET A 167 36.73 8.33 -2.82
C MET A 167 37.20 7.73 -1.49
N GLY A 168 38.04 8.47 -0.77
CA GLY A 168 38.63 7.94 0.47
C GLY A 168 38.93 8.98 1.53
N LYS A 169 39.00 8.53 2.79
CA LYS A 169 39.34 9.37 3.95
C LYS A 169 40.15 8.58 4.97
N LEU A 170 41.27 9.16 5.41
CA LEU A 170 42.07 8.54 6.47
C LEU A 170 41.53 9.00 7.82
N ILE A 171 41.45 8.07 8.77
CA ILE A 171 40.95 8.37 10.12
C ILE A 171 41.87 7.82 11.21
N MET B 1 -6.67 11.14 -15.80
CA MET B 1 -6.32 12.59 -15.72
C MET B 1 -5.27 13.00 -16.80
N GLU B 2 -4.03 13.24 -16.41
CA GLU B 2 -3.05 13.90 -17.28
C GLU B 2 -2.15 12.99 -18.13
N TYR B 3 -2.29 11.68 -17.98
CA TYR B 3 -1.45 10.73 -18.73
C TYR B 3 -2.28 9.84 -19.62
N GLU B 4 -1.72 9.47 -20.77
CA GLU B 4 -2.42 8.56 -21.65
C GLU B 4 -2.31 7.12 -21.12
N LEU B 5 -3.42 6.40 -21.19
CA LEU B 5 -3.53 5.06 -20.67
C LEU B 5 -3.38 4.07 -21.81
N LEU B 6 -2.65 2.99 -21.55
CA LEU B 6 -2.67 1.76 -22.37
C LEU B 6 -2.89 0.61 -21.41
N ILE B 7 -3.87 -0.24 -21.70
CA ILE B 7 -4.01 -1.57 -21.09
C ILE B 7 -3.58 -2.65 -22.10
N ARG B 8 -2.76 -3.61 -21.64
CA ARG B 8 -2.36 -4.74 -22.47
C ARG B 8 -1.77 -5.91 -21.68
N GLU B 9 -1.78 -7.08 -22.30
CA GLU B 9 -1.25 -8.25 -21.67
C GLU B 9 0.23 -8.03 -21.40
N ALA B 10 0.69 -8.48 -20.23
CA ALA B 10 2.10 -8.51 -19.90
C ALA B 10 2.93 -9.39 -20.88
N GLU B 11 4.10 -8.87 -21.22
CA GLU B 11 5.08 -9.61 -22.02
C GLU B 11 6.38 -9.75 -21.20
N PRO B 12 7.20 -10.78 -21.50
CA PRO B 12 8.43 -11.01 -20.74
C PRO B 12 9.39 -9.81 -20.73
N LYS B 13 9.27 -8.93 -21.72
CA LYS B 13 10.03 -7.69 -21.75
C LYS B 13 9.68 -6.78 -20.58
N ASP B 14 8.50 -6.98 -19.97
CA ASP B 14 8.02 -6.12 -18.89
C ASP B 14 8.54 -6.52 -17.52
N ALA B 15 9.38 -7.54 -17.45
CA ALA B 15 9.67 -8.20 -16.19
C ALA B 15 10.36 -7.29 -15.16
N ALA B 16 11.41 -6.59 -15.58
CA ALA B 16 12.16 -5.73 -14.66
C ALA B 16 11.25 -4.66 -14.06
N GLU B 17 10.46 -4.05 -14.95
CA GLU B 17 9.46 -3.04 -14.62
C GLU B 17 8.28 -3.54 -13.73
N LEU B 18 7.83 -4.77 -13.95
CA LEU B 18 6.75 -5.32 -13.15
C LEU B 18 7.29 -5.60 -11.75
N VAL B 19 8.49 -6.15 -11.65
CA VAL B 19 9.09 -6.41 -10.34
C VAL B 19 9.18 -5.12 -9.55
N ALA B 20 9.64 -4.06 -10.21
CA ALA B 20 9.83 -2.75 -9.58
C ALA B 20 8.46 -2.19 -9.16
N PHE B 21 7.46 -2.32 -10.04
CA PHE B 21 6.10 -1.89 -9.71
C PHE B 21 5.50 -2.61 -8.52
N LEU B 22 5.65 -3.91 -8.49
CA LEU B 22 5.14 -4.67 -7.39
C LEU B 22 5.86 -4.42 -6.07
N ASN B 23 7.17 -4.13 -6.12
CA ASN B 23 7.90 -3.78 -4.92
C ASN B 23 7.40 -2.43 -4.40
N ARG B 24 7.10 -1.52 -5.31
CA ARG B 24 6.52 -0.24 -4.93
C ARG B 24 5.16 -0.36 -4.20
N VAL B 25 4.24 -1.09 -4.79
CA VAL B 25 2.90 -1.22 -4.23
C VAL B 25 2.91 -2.01 -2.93
N SER B 26 3.86 -2.94 -2.81
CA SER B 26 3.96 -3.75 -1.59
C SER B 26 4.29 -2.86 -0.39
N LEU B 27 4.84 -1.69 -0.65
CA LEU B 27 5.20 -0.75 0.40
C LEU B 27 4.11 0.32 0.67
N GLU B 28 3.10 0.37 -0.19
CA GLU B 28 2.06 1.39 -0.15
C GLU B 28 0.87 1.07 0.78
N THR B 29 0.54 -0.20 0.93
CA THR B 29 -0.56 -0.63 1.81
C THR B 29 -0.19 -1.96 2.45
N ASP B 30 -1.02 -2.37 3.42
CA ASP B 30 -1.08 -3.73 3.95
C ASP B 30 -2.45 -4.37 3.72
N PHE B 31 -3.08 -4.06 2.59
CA PHE B 31 -4.39 -4.60 2.21
C PHE B 31 -4.34 -5.98 1.55
N THR B 32 -3.16 -6.37 1.04
CA THR B 32 -2.96 -7.68 0.43
C THR B 32 -1.81 -8.38 1.11
N SER B 33 -1.48 -9.60 0.66
CA SER B 33 -0.35 -10.37 1.23
C SER B 33 1.04 -9.71 1.10
N LEU B 34 1.19 -8.83 0.13
CA LEU B 34 2.42 -8.06 -0.03
C LEU B 34 2.71 -7.19 1.20
N ASP B 35 3.99 -7.09 1.52
CA ASP B 35 4.47 -6.29 2.61
C ASP B 35 5.86 -5.75 2.28
N GLY B 36 6.52 -5.16 3.26
CA GLY B 36 7.83 -4.53 3.07
C GLY B 36 8.98 -5.40 2.58
N ASP B 37 8.90 -6.71 2.80
CA ASP B 37 9.86 -7.61 2.14
C ASP B 37 9.71 -7.62 0.60
N GLY B 38 8.61 -7.12 0.07
CA GLY B 38 8.48 -6.98 -1.38
C GLY B 38 7.95 -8.23 -2.09
N ILE B 39 8.10 -8.26 -3.42
CA ILE B 39 7.57 -9.36 -4.24
C ILE B 39 8.45 -10.61 -4.13
N LEU B 40 9.71 -10.47 -3.72
CA LEU B 40 10.63 -11.58 -3.55
C LEU B 40 10.82 -12.44 -4.83
N LEU B 41 10.80 -11.80 -5.98
CA LEU B 41 11.10 -12.43 -7.25
C LEU B 41 12.13 -11.54 -7.89
N THR B 42 13.11 -12.13 -8.57
CA THR B 42 14.08 -11.41 -9.39
C THR B 42 13.47 -11.14 -10.78
N SER B 43 14.05 -10.22 -11.55
CA SER B 43 13.53 -9.97 -12.91
C SER B 43 13.47 -11.26 -13.77
N GLU B 44 14.45 -12.13 -13.57
CA GLU B 44 14.57 -13.40 -14.27
C GLU B 44 13.44 -14.40 -13.89
N GLU B 45 13.15 -14.51 -12.60
CA GLU B 45 11.99 -15.26 -12.17
C GLU B 45 10.68 -14.64 -12.64
N MET B 46 10.59 -13.32 -12.72
CA MET B 46 9.35 -12.70 -13.20
C MET B 46 9.17 -12.98 -14.69
N GLU B 47 10.27 -13.07 -15.44
CA GLU B 47 10.21 -13.31 -16.86
C GLU B 47 9.58 -14.67 -17.13
N ILE B 48 9.97 -15.67 -16.34
CA ILE B 48 9.42 -16.99 -16.55
C ILE B 48 7.92 -17.02 -16.12
N PHE B 49 7.58 -16.36 -15.00
CA PHE B 49 6.18 -16.24 -14.61
C PHE B 49 5.32 -15.63 -15.72
N LEU B 50 5.85 -14.62 -16.40
CA LEU B 50 5.09 -13.95 -17.45
C LEU B 50 4.98 -14.82 -18.71
N ASN B 51 6.03 -15.58 -19.04
CA ASN B 51 5.93 -16.54 -20.15
C ASN B 51 4.85 -17.60 -19.88
N LYS B 52 4.85 -18.15 -18.67
CA LYS B 52 3.83 -19.12 -18.27
C LYS B 52 2.40 -18.54 -18.33
N GLN B 53 2.22 -17.29 -17.90
CA GLN B 53 0.88 -16.65 -17.93
C GLN B 53 0.38 -16.50 -19.37
N ALA B 54 1.26 -16.06 -20.26
CA ALA B 54 0.90 -15.84 -21.65
C ALA B 54 0.49 -17.15 -22.34
N SER B 55 1.24 -18.22 -22.06
CA SER B 55 0.96 -19.51 -22.68
C SER B 55 -0.25 -20.26 -22.12
N SER B 56 -0.55 -20.06 -20.84
CA SER B 56 -1.65 -20.73 -20.18
C SER B 56 -3.00 -20.23 -20.71
N ASP B 57 -3.94 -21.15 -20.93
CA ASP B 57 -5.23 -20.76 -21.48
C ASP B 57 -6.25 -20.32 -20.44
N ASN B 58 -5.97 -20.56 -19.15
CA ASN B 58 -6.88 -20.16 -18.06
C ASN B 58 -6.24 -19.17 -17.06
N GLN B 59 -5.13 -18.55 -17.46
CA GLN B 59 -4.46 -17.54 -16.63
C GLN B 59 -4.02 -16.38 -17.50
N ILE B 60 -3.99 -15.18 -16.91
CA ILE B 60 -3.56 -14.01 -17.65
C ILE B 60 -3.05 -12.95 -16.71
N THR B 61 -2.07 -12.17 -17.17
CA THR B 61 -1.64 -10.97 -16.48
C THR B 61 -1.79 -9.81 -17.45
N LEU B 62 -2.58 -8.81 -17.03
CA LEU B 62 -2.77 -7.57 -17.78
C LEU B 62 -2.18 -6.41 -17.01
N LEU B 63 -1.58 -5.49 -17.74
CA LEU B 63 -0.93 -4.31 -17.19
C LEU B 63 -1.59 -3.03 -17.73
N ALA B 64 -1.74 -2.08 -16.81
CA ALA B 64 -2.10 -0.72 -17.16
C ALA B 64 -0.84 0.15 -17.12
N PHE B 65 -0.58 0.82 -18.25
CA PHE B 65 0.47 1.82 -18.37
C PHE B 65 -0.14 3.22 -18.43
N LEU B 66 0.40 4.14 -17.64
CA LEU B 66 0.09 5.53 -17.89
C LEU B 66 1.37 6.21 -18.34
N ASN B 67 1.25 6.83 -19.51
CA ASN B 67 2.36 6.99 -20.42
C ASN B 67 2.76 5.58 -20.82
N GLY B 68 4.04 5.27 -20.67
CA GLY B 68 4.51 3.89 -20.75
C GLY B 68 5.15 3.46 -19.45
N LYS B 69 4.58 3.87 -18.32
CA LYS B 69 5.02 3.36 -17.02
C LYS B 69 3.93 2.51 -16.36
N ILE B 70 4.31 1.35 -15.82
CA ILE B 70 3.33 0.46 -15.21
C ILE B 70 2.69 1.15 -14.02
N ALA B 71 1.37 1.18 -14.01
CA ALA B 71 0.63 1.85 -12.94
C ALA B 71 -0.39 0.90 -12.27
N GLY B 72 -0.61 -0.27 -12.86
CA GLY B 72 -1.51 -1.24 -12.32
C GLY B 72 -1.38 -2.58 -12.98
N ILE B 73 -1.89 -3.61 -12.28
CA ILE B 73 -1.81 -4.98 -12.75
C ILE B 73 -3.10 -5.66 -12.32
N VAL B 74 -3.64 -6.50 -13.19
CA VAL B 74 -4.60 -7.52 -12.76
C VAL B 74 -4.04 -8.91 -13.18
N ASN B 75 -4.08 -9.83 -12.22
CA ASN B 75 -3.63 -11.22 -12.44
C ASN B 75 -4.81 -12.17 -12.18
N ILE B 76 -5.01 -13.11 -13.10
CA ILE B 76 -5.86 -14.28 -12.86
C ILE B 76 -4.93 -15.47 -12.83
N THR B 77 -4.93 -16.22 -11.74
CA THR B 77 -4.18 -17.47 -11.65
C THR B 77 -5.18 -18.61 -11.46
N ALA B 78 -4.80 -19.81 -11.86
CA ALA B 78 -5.69 -20.97 -11.83
C ALA B 78 -4.85 -22.21 -11.66
N ASP B 79 -5.43 -23.19 -10.96
CA ASP B 79 -4.86 -24.57 -10.94
C ASP B 79 -5.23 -25.28 -12.21
N GLN B 80 -4.49 -26.33 -12.55
CA GLN B 80 -4.70 -27.03 -13.83
C GLN B 80 -5.51 -28.34 -13.74
N ARG B 81 -5.68 -28.93 -12.55
CA ARG B 81 -6.53 -30.15 -12.42
C ARG B 81 -7.98 -29.92 -12.81
N LYS B 82 -8.65 -30.95 -13.33
CA LYS B 82 -9.98 -30.78 -13.91
C LYS B 82 -11.06 -30.44 -12.88
N ARG B 83 -10.84 -30.83 -11.62
CA ARG B 83 -11.73 -30.44 -10.53
C ARG B 83 -11.95 -28.92 -10.47
N VAL B 84 -10.88 -28.17 -10.72
CA VAL B 84 -10.82 -26.75 -10.41
C VAL B 84 -10.21 -25.86 -11.50
N ARG B 85 -9.98 -26.37 -12.70
CA ARG B 85 -9.30 -25.56 -13.70
C ARG B 85 -10.18 -24.43 -14.28
N HIS B 86 -11.47 -24.48 -14.03
CA HIS B 86 -12.43 -23.43 -14.38
C HIS B 86 -12.50 -22.28 -13.34
N ILE B 87 -11.70 -22.38 -12.28
CA ILE B 87 -11.67 -21.37 -11.21
C ILE B 87 -10.44 -20.47 -11.38
N GLY B 88 -10.70 -19.17 -11.55
CA GLY B 88 -9.64 -18.15 -11.66
C GLY B 88 -9.59 -17.33 -10.38
N ASP B 89 -8.40 -17.27 -9.76
CA ASP B 89 -8.15 -16.43 -8.57
C ASP B 89 -7.61 -15.06 -8.98
N LEU B 90 -8.28 -13.99 -8.54
CA LEU B 90 -8.04 -12.61 -8.97
C LEU B 90 -7.16 -11.84 -8.01
N PHE B 91 -6.24 -11.04 -8.57
CA PHE B 91 -5.43 -10.09 -7.82
C PHE B 91 -5.28 -8.79 -8.63
N ILE B 92 -5.68 -7.65 -8.03
CA ILE B 92 -5.51 -6.36 -8.65
C ILE B 92 -4.81 -5.45 -7.69
N VAL B 93 -3.83 -4.72 -8.20
CA VAL B 93 -3.26 -3.63 -7.42
C VAL B 93 -2.94 -2.44 -8.32
N ILE B 94 -3.31 -1.24 -7.86
CA ILE B 94 -3.02 0.03 -8.57
C ILE B 94 -2.03 0.87 -7.72
N GLY B 95 -1.10 1.57 -8.39
CA GLY B 95 -0.30 2.60 -7.72
C GLY B 95 -1.19 3.60 -6.95
N LYS B 96 -0.79 3.88 -5.70
CA LYS B 96 -1.64 4.57 -4.74
C LYS B 96 -1.92 6.01 -5.17
N ARG B 97 -0.92 6.63 -5.79
CA ARG B 97 -1.05 7.91 -6.45
C ARG B 97 -2.27 7.98 -7.39
N TYR B 98 -2.64 6.84 -8.01
CA TYR B 98 -3.62 6.83 -9.11
C TYR B 98 -5.00 6.30 -8.75
N TRP B 99 -5.22 6.06 -7.47
CA TRP B 99 -6.50 5.54 -7.02
C TRP B 99 -7.69 6.44 -7.30
N ASN B 100 -8.85 5.80 -7.36
CA ASN B 100 -10.14 6.45 -7.61
C ASN B 100 -10.21 7.20 -8.92
N ASN B 101 -9.38 6.82 -9.89
CA ASN B 101 -9.46 7.32 -11.25
C ASN B 101 -10.00 6.32 -12.27
N GLY B 102 -10.57 5.20 -11.82
CA GLY B 102 -11.18 4.25 -12.75
C GLY B 102 -10.25 3.17 -13.33
N LEU B 103 -8.98 3.17 -12.94
CA LEU B 103 -8.02 2.20 -13.47
C LEU B 103 -8.31 0.77 -13.03
N GLY B 104 -8.55 0.60 -11.73
CA GLY B 104 -8.95 -0.70 -11.21
C GLY B 104 -10.15 -1.30 -11.93
N SER B 105 -11.14 -0.45 -12.23
CA SER B 105 -12.30 -0.88 -13.02
C SER B 105 -11.98 -1.30 -14.44
N LEU B 106 -11.20 -0.50 -15.17
CA LEU B 106 -10.85 -0.87 -16.55
C LEU B 106 -10.13 -2.23 -16.62
N LEU B 107 -9.18 -2.43 -15.72
CA LEU B 107 -8.40 -3.67 -15.62
C LEU B 107 -9.29 -4.84 -15.25
N LEU B 108 -10.13 -4.63 -14.24
CA LEU B 108 -11.03 -5.70 -13.80
C LEU B 108 -11.92 -6.12 -14.97
N GLU B 109 -12.54 -5.16 -15.66
CA GLU B 109 -13.49 -5.51 -16.72
C GLU B 109 -12.81 -6.13 -17.93
N GLU B 110 -11.58 -5.73 -18.20
CA GLU B 110 -10.73 -6.41 -19.17
C GLU B 110 -10.47 -7.87 -18.77
N ALA B 111 -10.18 -8.11 -17.50
CA ALA B 111 -9.91 -9.46 -17.03
C ALA B 111 -11.17 -10.33 -17.15
N ILE B 112 -12.32 -9.75 -16.88
CA ILE B 112 -13.59 -10.46 -16.92
C ILE B 112 -13.94 -10.86 -18.35
N GLU B 113 -13.81 -9.90 -19.27
CA GLU B 113 -14.05 -10.19 -20.70
C GLU B 113 -13.15 -11.31 -21.19
N TRP B 114 -11.87 -11.29 -20.79
CA TRP B 114 -10.92 -12.34 -21.24
C TRP B 114 -11.27 -13.72 -20.66
N ALA B 115 -11.67 -13.74 -19.40
CA ALA B 115 -12.11 -14.94 -18.71
C ALA B 115 -13.35 -15.54 -19.39
N GLN B 116 -14.35 -14.70 -19.67
CA GLN B 116 -15.53 -15.13 -20.43
C GLN B 116 -15.13 -15.69 -21.80
N ALA B 117 -14.23 -15.02 -22.50
CA ALA B 117 -13.81 -15.42 -23.85
C ALA B 117 -13.06 -16.77 -23.90
N SER B 118 -12.48 -17.19 -22.78
CA SER B 118 -11.53 -18.31 -22.77
C SER B 118 -12.19 -19.68 -22.98
N GLY B 119 -13.47 -19.79 -22.64
CA GLY B 119 -14.17 -21.08 -22.72
C GLY B 119 -13.76 -22.09 -21.64
N ILE B 120 -12.86 -21.69 -20.73
CA ILE B 120 -12.39 -22.57 -19.67
C ILE B 120 -12.86 -22.04 -18.32
N LEU B 121 -12.61 -20.76 -18.03
CA LEU B 121 -12.95 -20.23 -16.72
C LEU B 121 -14.46 -20.04 -16.62
N ARG B 122 -15.03 -20.52 -15.51
CA ARG B 122 -16.45 -20.39 -15.27
C ARG B 122 -16.73 -19.81 -13.90
N ARG B 123 -15.67 -19.46 -13.19
CA ARG B 123 -15.80 -18.78 -11.93
C ARG B 123 -14.55 -17.93 -11.67
N LEU B 124 -14.76 -16.73 -11.15
CA LEU B 124 -13.66 -15.88 -10.65
C LEU B 124 -13.83 -15.71 -9.14
N GLN B 125 -12.73 -15.60 -8.38
CA GLN B 125 -12.84 -15.44 -6.91
C GLN B 125 -11.64 -14.77 -6.26
N LEU B 126 -11.79 -14.38 -4.99
CA LEU B 126 -10.70 -13.78 -4.21
C LEU B 126 -11.16 -13.56 -2.78
N THR B 127 -10.25 -13.22 -1.90
CA THR B 127 -10.59 -12.78 -0.56
C THR B 127 -10.17 -11.30 -0.48
N VAL B 128 -11.01 -10.50 0.17
CA VAL B 128 -10.74 -9.11 0.39
C VAL B 128 -10.83 -8.85 1.91
N GLN B 129 -9.89 -8.09 2.46
CA GLN B 129 -10.06 -7.62 3.85
C GLN B 129 -11.36 -6.79 3.96
N THR B 130 -12.14 -7.03 5.00
CA THR B 130 -13.48 -6.43 5.13
C THR B 130 -13.40 -4.91 5.32
N ARG B 131 -12.34 -4.45 5.99
CA ARG B 131 -12.06 -3.05 6.08
C ARG B 131 -11.73 -2.38 4.74
N ASN B 132 -11.33 -3.13 3.73
CA ASN B 132 -10.85 -2.52 2.47
C ASN B 132 -12.03 -2.15 1.59
N GLN B 133 -12.57 -0.96 1.86
CA GLN B 133 -13.83 -0.52 1.28
C GLN B 133 -13.80 -0.24 -0.20
N ALA B 134 -12.67 0.28 -0.69
CA ALA B 134 -12.58 0.63 -2.10
C ALA B 134 -12.58 -0.66 -2.91
N ALA B 135 -11.87 -1.68 -2.40
CA ALA B 135 -11.80 -3.01 -3.01
C ALA B 135 -13.15 -3.71 -3.01
N VAL B 136 -13.79 -3.74 -1.85
CA VAL B 136 -15.11 -4.37 -1.76
C VAL B 136 -16.09 -3.75 -2.76
N HIS B 137 -16.10 -2.43 -2.80
CA HIS B 137 -16.96 -1.70 -3.72
C HIS B 137 -16.62 -1.97 -5.17
N LEU B 138 -15.34 -1.91 -5.51
CA LEU B 138 -14.90 -2.22 -6.88
C LEU B 138 -15.38 -3.61 -7.34
N TYR B 139 -15.26 -4.62 -6.48
CA TYR B 139 -15.60 -5.97 -6.90
C TYR B 139 -17.11 -6.18 -6.99
N GLN B 140 -17.83 -5.70 -5.97
CA GLN B 140 -19.29 -5.70 -6.00
C GLN B 140 -19.84 -5.00 -7.24
N LYS B 141 -19.19 -3.91 -7.65
CA LYS B 141 -19.59 -3.15 -8.83
C LYS B 141 -19.54 -4.01 -10.07
N HIS B 142 -18.64 -4.98 -10.10
CA HIS B 142 -18.46 -5.84 -11.27
C HIS B 142 -19.12 -7.23 -11.11
N GLY B 143 -20.06 -7.35 -10.19
CA GLY B 143 -20.82 -8.60 -10.01
C GLY B 143 -20.31 -9.66 -9.04
N PHE B 144 -19.19 -9.40 -8.39
CA PHE B 144 -18.69 -10.28 -7.34
C PHE B 144 -19.60 -10.13 -6.12
N VAL B 145 -19.93 -11.24 -5.48
CA VAL B 145 -20.82 -11.22 -4.33
C VAL B 145 -20.02 -11.75 -3.16
N ILE B 146 -20.22 -11.20 -1.97
CA ILE B 146 -19.70 -11.80 -0.75
C ILE B 146 -20.35 -13.19 -0.53
N GLU B 147 -19.53 -14.23 -0.42
CA GLU B 147 -20.02 -15.58 -0.20
C GLU B 147 -19.75 -16.07 1.24
N GLY B 148 -19.10 -15.24 2.05
CA GLY B 148 -18.73 -15.66 3.39
C GLY B 148 -17.68 -14.71 3.96
N SER B 149 -17.40 -14.86 5.25
CA SER B 149 -16.35 -14.10 5.89
C SER B 149 -15.55 -15.02 6.80
N GLN B 150 -14.25 -14.76 6.89
CA GLN B 150 -13.34 -15.62 7.61
C GLN B 150 -12.57 -14.81 8.62
N GLU B 151 -12.67 -15.22 9.89
CA GLU B 151 -11.98 -14.56 10.98
C GLU B 151 -10.49 -14.94 10.95
N ARG B 152 -9.64 -14.00 11.32
CA ARG B 152 -8.19 -14.15 11.18
C ARG B 152 -7.80 -14.50 9.75
N GLY B 153 -8.48 -13.91 8.77
CA GLY B 153 -8.06 -14.05 7.39
C GLY B 153 -6.76 -13.34 7.00
N ALA B 154 -6.33 -12.39 7.84
CA ALA B 154 -5.14 -11.61 7.62
C ALA B 154 -4.59 -11.17 8.97
N TYR B 155 -3.29 -10.92 9.01
CA TYR B 155 -2.60 -10.39 10.18
C TYR B 155 -1.91 -9.08 9.75
N ILE B 156 -2.16 -8.00 10.50
CA ILE B 156 -1.58 -6.69 10.24
C ILE B 156 -0.99 -6.07 11.53
N GLU B 157 -0.12 -5.08 11.35
CA GLU B 157 0.36 -4.20 12.42
C GLU B 157 1.04 -4.98 13.54
N GLU B 158 1.77 -6.02 13.14
CA GLU B 158 2.42 -6.95 14.06
C GLU B 158 1.64 -7.06 15.39
N GLY B 159 0.44 -7.62 15.31
CA GLY B 159 -0.42 -7.77 16.50
C GLY B 159 -1.89 -8.07 16.24
N LYS B 160 -2.41 -7.67 15.09
CA LYS B 160 -3.86 -7.68 14.88
C LYS B 160 -4.33 -8.67 13.80
N PHE B 161 -5.33 -9.49 14.15
CA PHE B 161 -6.02 -10.32 13.18
C PHE B 161 -7.24 -9.58 12.73
N ILE B 162 -7.51 -9.63 11.43
CA ILE B 162 -8.69 -9.00 10.88
C ILE B 162 -9.43 -10.01 9.97
N ASP B 163 -10.68 -9.70 9.66
CA ASP B 163 -11.53 -10.53 8.84
C ASP B 163 -11.33 -10.29 7.36
N VAL B 164 -11.57 -11.34 6.58
CA VAL B 164 -11.64 -11.25 5.13
C VAL B 164 -12.99 -11.72 4.60
N TYR B 165 -13.37 -11.22 3.43
CA TYR B 165 -14.55 -11.72 2.72
C TYR B 165 -14.09 -12.68 1.64
N LEU B 166 -14.78 -13.80 1.52
CA LEU B 166 -14.73 -14.64 0.33
C LEU B 166 -15.66 -13.99 -0.67
N MET B 167 -15.16 -13.68 -1.87
CA MET B 167 -15.97 -13.08 -2.94
C MET B 167 -15.90 -13.93 -4.23
N GLY B 168 -17.01 -14.01 -4.98
CA GLY B 168 -17.06 -14.80 -6.20
C GLY B 168 -17.96 -14.26 -7.30
N LYS B 169 -17.66 -14.66 -8.53
CA LYS B 169 -18.47 -14.31 -9.68
C LYS B 169 -18.47 -15.50 -10.62
N LEU B 170 -19.67 -15.96 -10.98
CA LEU B 170 -19.84 -17.02 -12.00
C LEU B 170 -19.80 -16.37 -13.39
N ILE B 171 -19.15 -17.00 -14.37
CA ILE B 171 -19.01 -16.37 -15.72
C ILE B 171 -19.33 -17.30 -16.92
N MET C 1 -10.94 -58.91 15.91
CA MET C 1 -10.43 -57.66 15.26
C MET C 1 -8.97 -57.31 15.65
N GLU C 2 -8.09 -57.29 14.63
CA GLU C 2 -6.63 -57.23 14.80
C GLU C 2 -5.98 -56.18 13.87
N TYR C 3 -5.00 -55.41 14.39
CA TYR C 3 -4.23 -54.47 13.56
C TYR C 3 -3.08 -53.81 14.31
N GLU C 4 -2.12 -53.29 13.53
CA GLU C 4 -1.16 -52.32 14.05
C GLU C 4 -1.29 -51.02 13.33
N LEU C 5 -1.16 -49.97 14.12
CA LEU C 5 -1.34 -48.60 13.71
C LEU C 5 -0.09 -47.90 14.15
N LEU C 6 0.49 -47.12 13.24
CA LEU C 6 1.53 -46.16 13.56
C LEU C 6 1.09 -44.84 12.95
N ILE C 7 1.11 -43.77 13.75
CA ILE C 7 0.96 -42.40 13.25
C ILE C 7 2.22 -41.65 13.56
N ARG C 8 2.82 -41.06 12.54
CA ARG C 8 4.02 -40.27 12.72
C ARG C 8 4.18 -39.26 11.61
N GLU C 9 5.05 -38.29 11.87
CA GLU C 9 5.41 -37.33 10.86
C GLU C 9 6.11 -38.03 9.69
N ALA C 10 5.73 -37.63 8.46
CA ALA C 10 6.33 -38.15 7.26
C ALA C 10 7.80 -37.78 7.24
N GLU C 11 8.60 -38.70 6.71
CA GLU C 11 10.03 -38.57 6.50
C GLU C 11 10.29 -38.78 5.01
N PRO C 12 11.42 -38.28 4.49
CA PRO C 12 11.62 -38.37 3.03
C PRO C 12 11.70 -39.79 2.46
N LYS C 13 12.07 -40.77 3.30
CA LYS C 13 12.04 -42.17 2.90
C LYS C 13 10.62 -42.68 2.59
N ASP C 14 9.61 -41.96 3.05
CA ASP C 14 8.21 -42.30 2.78
C ASP C 14 7.70 -41.93 1.38
N ALA C 15 8.48 -41.18 0.62
CA ALA C 15 8.03 -40.54 -0.60
C ALA C 15 7.39 -41.44 -1.68
N ALA C 16 8.05 -42.54 -2.05
CA ALA C 16 7.51 -43.47 -3.07
C ALA C 16 6.18 -44.12 -2.62
N GLU C 17 6.12 -44.51 -1.33
CA GLU C 17 4.92 -45.10 -0.74
C GLU C 17 3.77 -44.10 -0.72
N LEU C 18 4.06 -42.84 -0.43
CA LEU C 18 3.04 -41.79 -0.33
C LEU C 18 2.47 -41.46 -1.69
N VAL C 19 3.35 -41.34 -2.68
CA VAL C 19 2.92 -41.10 -4.04
C VAL C 19 1.98 -42.22 -4.49
N ALA C 20 2.36 -43.48 -4.24
CA ALA C 20 1.57 -44.66 -4.60
C ALA C 20 0.19 -44.66 -3.90
N PHE C 21 0.20 -44.34 -2.60
CA PHE C 21 -1.05 -44.20 -1.82
C PHE C 21 -2.00 -43.12 -2.33
N LEU C 22 -1.47 -41.95 -2.66
CA LEU C 22 -2.31 -40.87 -3.19
C LEU C 22 -2.86 -41.22 -4.57
N ASN C 23 -2.07 -41.88 -5.41
CA ASN C 23 -2.60 -42.37 -6.67
C ASN C 23 -3.67 -43.44 -6.48
N ARG C 24 -3.50 -44.29 -5.47
CA ARG C 24 -4.53 -45.25 -5.15
C ARG C 24 -5.84 -44.55 -4.71
N VAL C 25 -5.74 -43.61 -3.78
CA VAL C 25 -6.96 -42.90 -3.33
C VAL C 25 -7.61 -42.01 -4.37
N SER C 26 -6.80 -41.48 -5.30
CA SER C 26 -7.31 -40.75 -6.49
C SER C 26 -8.37 -41.52 -7.28
N LEU C 27 -8.22 -42.85 -7.34
CA LEU C 27 -9.07 -43.73 -8.12
C LEU C 27 -10.27 -44.22 -7.31
N GLU C 28 -10.27 -43.97 -6.00
CA GLU C 28 -11.37 -44.41 -5.12
C GLU C 28 -12.58 -43.44 -5.06
N THR C 29 -12.34 -42.14 -5.04
CA THR C 29 -13.45 -41.18 -5.00
C THR C 29 -13.17 -39.99 -5.87
N ASP C 30 -14.21 -39.21 -6.16
CA ASP C 30 -14.05 -37.86 -6.70
C ASP C 30 -14.47 -36.76 -5.71
N PHE C 31 -14.19 -36.97 -4.42
CA PHE C 31 -14.43 -35.97 -3.36
C PHE C 31 -13.34 -34.87 -3.15
N THR C 32 -12.12 -35.12 -3.62
CA THR C 32 -11.00 -34.22 -3.45
C THR C 32 -10.72 -33.74 -4.86
N SER C 33 -9.76 -32.82 -5.07
CA SER C 33 -9.34 -32.50 -6.46
C SER C 33 -8.52 -33.59 -7.13
N LEU C 34 -8.22 -34.66 -6.39
CA LEU C 34 -7.56 -35.81 -6.98
C LEU C 34 -8.52 -36.45 -7.95
N ASP C 35 -8.04 -36.78 -9.14
CA ASP C 35 -8.80 -37.55 -10.13
C ASP C 35 -7.96 -38.66 -10.69
N GLY C 36 -8.40 -39.28 -11.79
CA GLY C 36 -7.70 -40.43 -12.35
C GLY C 36 -6.33 -40.14 -12.93
N ASP C 37 -6.06 -38.85 -13.16
CA ASP C 37 -4.71 -38.38 -13.52
C ASP C 37 -3.74 -38.49 -12.35
N GLY C 38 -4.29 -38.61 -11.15
CA GLY C 38 -3.48 -38.91 -9.97
C GLY C 38 -2.79 -37.70 -9.38
N ILE C 39 -1.79 -37.95 -8.54
CA ILE C 39 -1.09 -36.92 -7.81
C ILE C 39 -0.10 -36.11 -8.69
N LEU C 40 0.34 -36.71 -9.82
CA LEU C 40 1.23 -36.06 -10.81
C LEU C 40 2.54 -35.53 -10.18
N LEU C 41 3.13 -36.33 -9.31
CA LEU C 41 4.37 -36.00 -8.67
C LEU C 41 5.19 -37.26 -8.64
N THR C 42 6.44 -37.15 -9.06
CA THR C 42 7.38 -38.25 -8.94
C THR C 42 7.80 -38.38 -7.49
N SER C 43 8.38 -39.53 -7.16
CA SER C 43 8.83 -39.81 -5.81
C SER C 43 9.89 -38.79 -5.36
N GLU C 44 10.67 -38.29 -6.31
CA GLU C 44 11.74 -37.34 -5.99
C GLU C 44 11.13 -35.97 -5.73
N GLU C 45 10.13 -35.63 -6.53
CA GLU C 45 9.36 -34.44 -6.21
C GLU C 45 8.72 -34.52 -4.82
N MET C 46 8.14 -35.66 -4.46
CA MET C 46 7.49 -35.81 -3.15
C MET C 46 8.50 -35.76 -2.02
N GLU C 47 9.68 -36.29 -2.27
CA GLU C 47 10.76 -36.26 -1.29
C GLU C 47 11.18 -34.83 -0.95
N ILE C 48 11.23 -33.98 -1.96
CA ILE C 48 11.52 -32.55 -1.78
C ILE C 48 10.40 -31.85 -0.97
N PHE C 49 9.16 -32.18 -1.31
CA PHE C 49 8.03 -31.69 -0.52
C PHE C 49 8.10 -32.12 0.94
N LEU C 50 8.41 -33.38 1.20
CA LEU C 50 8.39 -33.91 2.56
C LEU C 50 9.51 -33.35 3.43
N ASN C 51 10.65 -33.06 2.79
CA ASN C 51 11.76 -32.42 3.47
C ASN C 51 11.38 -31.00 3.85
N LYS C 52 10.74 -30.27 2.94
CA LYS C 52 10.23 -28.90 3.26
C LYS C 52 9.26 -28.95 4.43
N GLN C 53 8.33 -29.91 4.40
CA GLN C 53 7.34 -29.98 5.47
C GLN C 53 8.03 -30.16 6.83
N ALA C 54 9.07 -31.00 6.85
CA ALA C 54 9.72 -31.42 8.10
C ALA C 54 10.51 -30.26 8.67
N SER C 55 11.05 -29.43 7.79
CA SER C 55 11.85 -28.32 8.22
C SER C 55 11.01 -27.09 8.57
N SER C 56 9.77 -27.04 8.06
CA SER C 56 8.91 -25.87 8.22
C SER C 56 8.27 -25.84 9.60
N ASP C 57 8.09 -24.65 10.15
CA ASP C 57 7.58 -24.54 11.51
C ASP C 57 6.04 -24.36 11.57
N ASN C 58 5.44 -24.14 10.41
CA ASN C 58 4.01 -23.95 10.34
C ASN C 58 3.34 -24.86 9.29
N GLN C 59 4.05 -25.92 8.86
CA GLN C 59 3.49 -26.94 8.03
C GLN C 59 3.83 -28.34 8.58
N ILE C 60 3.01 -29.34 8.28
CA ILE C 60 3.32 -30.73 8.67
C ILE C 60 2.56 -31.72 7.84
N THR C 61 3.19 -32.85 7.56
CA THR C 61 2.54 -33.99 6.95
C THR C 61 2.63 -35.17 7.92
N LEU C 62 1.48 -35.66 8.36
CA LEU C 62 1.41 -36.82 9.22
C LEU C 62 0.80 -38.00 8.46
N LEU C 63 1.36 -39.17 8.70
CA LEU C 63 0.97 -40.40 8.04
C LEU C 63 0.42 -41.42 9.04
N ALA C 64 -0.62 -42.11 8.62
CA ALA C 64 -1.16 -43.27 9.35
C ALA C 64 -0.68 -44.53 8.62
N PHE C 65 -0.01 -45.43 9.31
CA PHE C 65 0.28 -46.75 8.75
C PHE C 65 -0.58 -47.80 9.43
N LEU C 66 -1.30 -48.56 8.61
CA LEU C 66 -2.01 -49.74 9.06
C LEU C 66 -1.31 -50.97 8.50
N ASN C 67 -0.89 -51.85 9.41
CA ASN C 67 -0.20 -53.08 9.05
C ASN C 67 0.99 -52.80 8.14
N GLY C 68 1.67 -51.70 8.43
CA GLY C 68 2.90 -51.35 7.71
C GLY C 68 2.72 -50.65 6.39
N LYS C 69 1.48 -50.29 6.04
CA LYS C 69 1.16 -49.60 4.80
C LYS C 69 0.43 -48.30 5.08
N ILE C 70 0.73 -47.27 4.29
CA ILE C 70 0.08 -45.98 4.45
C ILE C 70 -1.42 -46.18 4.21
N ALA C 71 -2.23 -45.78 5.19
CA ALA C 71 -3.68 -45.89 5.13
C ALA C 71 -4.34 -44.51 5.17
N GLY C 72 -3.59 -43.49 5.58
CA GLY C 72 -4.09 -42.14 5.61
C GLY C 72 -3.01 -41.09 5.77
N ILE C 73 -3.38 -39.87 5.38
CA ILE C 73 -2.50 -38.69 5.45
C ILE C 73 -3.31 -37.46 5.89
N VAL C 74 -2.70 -36.66 6.76
CA VAL C 74 -3.15 -35.30 7.00
C VAL C 74 -1.99 -34.35 6.69
N ASN C 75 -2.33 -33.35 5.91
CA ASN C 75 -1.41 -32.35 5.45
C ASN C 75 -1.87 -31.01 5.98
N ILE C 76 -0.95 -30.25 6.58
CA ILE C 76 -1.11 -28.82 6.74
C ILE C 76 0.00 -28.10 5.99
N THR C 77 -0.40 -27.27 5.02
CA THR C 77 0.49 -26.38 4.32
C THR C 77 0.10 -24.90 4.63
N ALA C 78 1.05 -24.00 4.42
CA ALA C 78 0.91 -22.61 4.83
C ALA C 78 1.78 -21.69 3.97
N ASP C 79 1.21 -20.56 3.57
CA ASP C 79 2.00 -19.44 3.00
C ASP C 79 2.97 -18.87 4.03
N GLN C 80 4.11 -18.41 3.57
CA GLN C 80 5.18 -17.98 4.47
C GLN C 80 5.16 -16.48 4.73
N ARG C 81 4.41 -15.72 3.93
CA ARG C 81 4.26 -14.30 4.17
C ARG C 81 3.56 -13.98 5.49
N LYS C 82 4.00 -12.88 6.09
CA LYS C 82 3.54 -12.51 7.42
C LYS C 82 2.02 -12.27 7.50
N ARG C 83 1.43 -11.76 6.43
CA ARG C 83 0.02 -11.52 6.38
C ARG C 83 -0.79 -12.80 6.64
N VAL C 84 -0.26 -13.95 6.21
CA VAL C 84 -1.03 -15.22 6.15
C VAL C 84 -0.35 -16.48 6.71
N ARG C 85 0.85 -16.34 7.30
CA ARG C 85 1.63 -17.52 7.76
C ARG C 85 1.05 -18.23 9.00
N HIS C 86 -0.01 -17.67 9.57
CA HIS C 86 -0.74 -18.28 10.69
C HIS C 86 -1.93 -19.11 10.21
N ILE C 87 -2.15 -19.19 8.90
CA ILE C 87 -3.29 -19.93 8.33
C ILE C 87 -2.77 -21.24 7.75
N GLY C 88 -3.29 -22.34 8.28
CA GLY C 88 -2.96 -23.67 7.83
C GLY C 88 -4.07 -24.21 6.97
N ASP C 89 -3.71 -24.61 5.73
CA ASP C 89 -4.65 -25.26 4.83
C ASP C 89 -4.59 -26.77 5.03
N LEU C 90 -5.75 -27.37 5.30
CA LEU C 90 -5.77 -28.74 5.75
C LEU C 90 -6.33 -29.63 4.65
N PHE C 91 -5.67 -30.78 4.49
CA PHE C 91 -6.04 -31.83 3.52
C PHE C 91 -5.85 -33.17 4.19
N ILE C 92 -6.94 -33.92 4.31
CA ILE C 92 -6.91 -35.29 4.85
C ILE C 92 -7.59 -36.26 3.86
N VAL C 93 -6.95 -37.40 3.65
CA VAL C 93 -7.55 -38.49 2.89
C VAL C 93 -7.16 -39.83 3.54
N ILE C 94 -8.15 -40.70 3.63
CA ILE C 94 -8.02 -42.05 4.18
C ILE C 94 -8.38 -43.07 3.10
N GLY C 95 -7.69 -44.22 3.13
CA GLY C 95 -8.03 -45.36 2.28
C GLY C 95 -9.47 -45.74 2.55
N LYS C 96 -10.27 -45.88 1.49
CA LYS C 96 -11.68 -46.15 1.61
C LYS C 96 -12.01 -47.38 2.49
N ARG C 97 -11.25 -48.47 2.40
CA ARG C 97 -11.56 -49.63 3.24
C ARG C 97 -11.55 -49.25 4.71
N TYR C 98 -10.77 -48.23 5.06
CA TYR C 98 -10.59 -47.79 6.46
C TYR C 98 -11.55 -46.71 6.95
N TRP C 99 -12.48 -46.25 6.13
CA TRP C 99 -13.45 -45.25 6.57
C TRP C 99 -14.32 -45.79 7.72
N ASN C 100 -14.79 -44.85 8.54
CA ASN C 100 -15.71 -45.11 9.64
C ASN C 100 -15.14 -46.02 10.74
N ASN C 101 -13.86 -45.88 11.03
CA ASN C 101 -13.22 -46.60 12.13
C ASN C 101 -12.45 -45.65 13.00
N GLY C 102 -12.69 -44.36 12.86
CA GLY C 102 -12.02 -43.42 13.70
C GLY C 102 -10.65 -42.95 13.26
N LEU C 103 -10.13 -43.43 12.12
CA LEU C 103 -8.77 -43.02 11.66
C LEU C 103 -8.70 -41.55 11.27
N GLY C 104 -9.70 -41.09 10.52
CA GLY C 104 -9.83 -39.66 10.17
C GLY C 104 -9.79 -38.76 11.38
N SER C 105 -10.54 -39.12 12.43
CA SER C 105 -10.56 -38.33 13.67
C SER C 105 -9.23 -38.34 14.38
N LEU C 106 -8.59 -39.51 14.39
CA LEU C 106 -7.29 -39.64 15.02
C LEU C 106 -6.27 -38.71 14.38
N LEU C 107 -6.19 -38.75 13.04
CA LEU C 107 -5.26 -37.94 12.27
C LEU C 107 -5.53 -36.44 12.46
N LEU C 108 -6.80 -36.09 12.35
CA LEU C 108 -7.25 -34.71 12.51
C LEU C 108 -6.90 -34.18 13.89
N GLU C 109 -7.12 -34.95 14.96
CA GLU C 109 -6.82 -34.42 16.29
C GLU C 109 -5.31 -34.35 16.56
N GLU C 110 -4.51 -35.27 16.02
CA GLU C 110 -3.04 -35.12 16.08
C GLU C 110 -2.58 -33.86 15.32
N ALA C 111 -3.15 -33.63 14.14
CA ALA C 111 -2.82 -32.46 13.33
C ALA C 111 -3.20 -31.15 14.04
N ILE C 112 -4.40 -31.13 14.65
CA ILE C 112 -4.87 -29.97 15.41
C ILE C 112 -4.01 -29.71 16.63
N GLU C 113 -3.66 -30.76 17.37
CA GLU C 113 -2.75 -30.61 18.52
C GLU C 113 -1.41 -30.03 18.14
N TRP C 114 -0.87 -30.53 17.04
CA TRP C 114 0.36 -29.99 16.50
C TRP C 114 0.22 -28.50 16.18
N ALA C 115 -0.84 -28.16 15.46
CA ALA C 115 -1.13 -26.78 15.08
C ALA C 115 -1.16 -25.89 16.32
N GLN C 116 -1.92 -26.32 17.34
CA GLN C 116 -2.04 -25.64 18.65
C GLN C 116 -0.69 -25.40 19.30
N ALA C 117 0.17 -26.40 19.23
CA ALA C 117 1.48 -26.36 19.86
C ALA C 117 2.53 -25.57 19.06
N SER C 118 2.26 -25.32 17.78
CA SER C 118 3.23 -24.65 16.92
C SER C 118 3.59 -23.25 17.41
N GLY C 119 2.63 -22.58 18.03
CA GLY C 119 2.81 -21.18 18.40
C GLY C 119 2.64 -20.21 17.24
N ILE C 120 2.58 -20.70 16.01
CA ILE C 120 2.46 -19.85 14.82
C ILE C 120 1.05 -19.91 14.19
N LEU C 121 0.49 -21.11 14.06
CA LEU C 121 -0.79 -21.27 13.41
C LEU C 121 -1.84 -20.84 14.38
N ARG C 122 -2.74 -20.00 13.90
CA ARG C 122 -3.85 -19.47 14.66
C ARG C 122 -5.17 -19.69 13.93
N ARG C 123 -5.12 -20.35 12.78
CA ARG C 123 -6.30 -20.63 12.00
C ARG C 123 -6.02 -21.83 11.11
N LEU C 124 -6.93 -22.78 11.09
CA LEU C 124 -6.93 -23.86 10.14
C LEU C 124 -8.16 -23.69 9.24
N GLN C 125 -8.04 -24.10 7.99
CA GLN C 125 -9.12 -23.95 7.04
C GLN C 125 -9.07 -24.98 5.92
N LEU C 126 -10.21 -25.19 5.29
CA LEU C 126 -10.32 -26.09 4.16
C LEU C 126 -11.56 -25.80 3.37
N THR C 127 -11.64 -26.44 2.20
CA THR C 127 -12.86 -26.45 1.45
C THR C 127 -13.28 -27.90 1.26
N VAL C 128 -14.58 -28.16 1.42
CA VAL C 128 -15.13 -29.51 1.28
C VAL C 128 -16.35 -29.44 0.37
N GLN C 129 -16.49 -30.42 -0.54
CA GLN C 129 -17.67 -30.52 -1.39
C GLN C 129 -18.92 -30.68 -0.51
N THR C 130 -19.97 -29.89 -0.80
CA THR C 130 -21.18 -29.84 0.05
C THR C 130 -21.89 -31.21 0.15
N ARG C 131 -21.86 -31.98 -0.94
CA ARG C 131 -22.39 -33.36 -0.94
C ARG C 131 -21.56 -34.37 -0.10
N ASN C 132 -20.35 -33.99 0.26
CA ASN C 132 -19.44 -34.87 1.01
C ASN C 132 -19.74 -34.78 2.53
N GLN C 133 -20.89 -35.35 2.92
CA GLN C 133 -21.45 -35.15 4.26
C GLN C 133 -20.60 -35.75 5.36
N ALA C 134 -19.99 -36.91 5.08
CA ALA C 134 -19.11 -37.56 6.04
C ALA C 134 -17.97 -36.62 6.36
N ALA C 135 -17.40 -36.04 5.32
CA ALA C 135 -16.28 -35.13 5.50
C ALA C 135 -16.73 -33.91 6.31
N VAL C 136 -17.85 -33.31 5.92
CA VAL C 136 -18.39 -32.15 6.63
C VAL C 136 -18.60 -32.45 8.12
N HIS C 137 -19.23 -33.58 8.42
CA HIS C 137 -19.47 -34.03 9.82
C HIS C 137 -18.16 -34.19 10.59
N LEU C 138 -17.19 -34.89 10.00
CA LEU C 138 -15.88 -35.04 10.64
C LEU C 138 -15.28 -33.69 11.09
N TYR C 139 -15.20 -32.69 10.20
CA TYR C 139 -14.61 -31.40 10.58
C TYR C 139 -15.44 -30.67 11.61
N GLN C 140 -16.76 -30.69 11.42
CA GLN C 140 -17.70 -30.10 12.39
C GLN C 140 -17.48 -30.66 13.80
N LYS C 141 -17.28 -31.98 13.88
CA LYS C 141 -16.97 -32.68 15.14
C LYS C 141 -15.70 -32.12 15.79
N HIS C 142 -14.78 -31.62 14.98
CA HIS C 142 -13.52 -31.11 15.52
C HIS C 142 -13.45 -29.61 15.60
N GLY C 143 -14.60 -28.94 15.54
CA GLY C 143 -14.68 -27.51 15.75
C GLY C 143 -14.60 -26.61 14.52
N PHE C 144 -14.46 -27.21 13.33
CA PHE C 144 -14.51 -26.40 12.12
C PHE C 144 -15.95 -25.96 11.89
N VAL C 145 -16.12 -24.71 11.51
CA VAL C 145 -17.46 -24.22 11.19
C VAL C 145 -17.49 -23.78 9.72
N ILE C 146 -18.64 -23.97 9.09
CA ILE C 146 -18.89 -23.51 7.74
C ILE C 146 -18.94 -21.97 7.70
N GLU C 147 -18.03 -21.36 6.95
CA GLU C 147 -17.93 -19.92 6.80
C GLU C 147 -18.63 -19.41 5.56
N GLY C 148 -18.75 -20.27 4.55
CA GLY C 148 -19.45 -19.87 3.35
C GLY C 148 -19.66 -21.01 2.39
N SER C 149 -20.38 -20.71 1.32
CA SER C 149 -20.66 -21.64 0.27
C SER C 149 -20.26 -21.02 -1.05
N GLN C 150 -19.71 -21.80 -1.96
CA GLN C 150 -19.25 -21.30 -3.24
C GLN C 150 -19.73 -22.18 -4.36
N GLU C 151 -20.52 -21.59 -5.24
CA GLU C 151 -21.08 -22.30 -6.35
C GLU C 151 -20.00 -22.46 -7.44
N ARG C 152 -20.02 -23.61 -8.10
CA ARG C 152 -18.98 -24.02 -9.04
C ARG C 152 -17.61 -24.17 -8.38
N GLY C 153 -17.60 -24.64 -7.14
CA GLY C 153 -16.34 -24.85 -6.42
C GLY C 153 -15.61 -26.11 -6.88
N ALA C 154 -16.32 -27.02 -7.55
CA ALA C 154 -15.72 -28.21 -8.11
C ALA C 154 -16.44 -28.57 -9.41
N TYR C 155 -15.73 -29.33 -10.22
CA TYR C 155 -16.24 -29.88 -11.46
C TYR C 155 -16.05 -31.37 -11.39
N ILE C 156 -17.14 -32.11 -11.47
CA ILE C 156 -17.09 -33.58 -11.42
C ILE C 156 -17.73 -34.13 -12.69
N GLU C 157 -17.53 -35.43 -12.93
CA GLU C 157 -18.16 -36.12 -14.04
C GLU C 157 -17.94 -35.42 -15.39
N GLU C 158 -18.81 -35.70 -16.35
CA GLU C 158 -18.59 -35.22 -17.71
C GLU C 158 -18.91 -33.73 -17.89
N GLY C 159 -19.57 -33.13 -16.90
CA GLY C 159 -19.94 -31.71 -17.01
C GLY C 159 -20.72 -31.10 -15.85
N LYS C 160 -20.56 -31.63 -14.64
CA LYS C 160 -21.37 -31.24 -13.49
C LYS C 160 -20.62 -30.31 -12.53
N PHE C 161 -21.12 -29.08 -12.35
CA PHE C 161 -20.58 -28.18 -11.35
C PHE C 161 -21.29 -28.36 -10.03
N ILE C 162 -20.54 -28.32 -8.94
CA ILE C 162 -21.08 -28.49 -7.60
C ILE C 162 -20.52 -27.49 -6.59
N ASP C 163 -21.26 -27.31 -5.52
CA ASP C 163 -20.90 -26.36 -4.49
C ASP C 163 -19.92 -26.96 -3.51
N VAL C 164 -19.12 -26.10 -2.90
CA VAL C 164 -18.23 -26.44 -1.79
C VAL C 164 -18.50 -25.49 -0.62
N TYR C 165 -18.24 -25.96 0.59
CA TYR C 165 -18.22 -25.15 1.80
C TYR C 165 -16.78 -24.77 2.11
N LEU C 166 -16.56 -23.54 2.57
CA LEU C 166 -15.30 -23.20 3.19
C LEU C 166 -15.51 -23.25 4.68
N MET C 167 -14.61 -23.94 5.35
CA MET C 167 -14.71 -24.21 6.76
C MET C 167 -13.43 -23.71 7.44
N GLY C 168 -13.54 -23.26 8.68
CA GLY C 168 -12.40 -22.79 9.43
C GLY C 168 -12.54 -23.04 10.91
N LYS C 169 -11.37 -23.04 11.57
CA LYS C 169 -11.24 -23.22 13.00
C LYS C 169 -10.12 -22.32 13.50
N LEU C 170 -10.38 -21.60 14.57
CA LEU C 170 -9.40 -20.69 15.16
C LEU C 170 -8.70 -21.49 16.23
N ILE C 171 -7.39 -21.31 16.38
CA ILE C 171 -6.60 -22.02 17.40
C ILE C 171 -5.59 -21.08 18.07
N GLU D 4 4.17 14.33 6.00
CA GLU D 4 4.15 15.71 6.56
C GLU D 4 2.76 16.33 6.39
N LEU D 5 1.88 16.02 7.34
CA LEU D 5 0.51 16.55 7.39
C LEU D 5 0.49 17.74 8.33
N LEU D 6 -0.08 18.85 7.86
CA LEU D 6 -0.34 20.02 8.69
C LEU D 6 -1.84 20.32 8.57
N ILE D 7 -2.51 20.47 9.72
CA ILE D 7 -3.87 20.96 9.75
C ILE D 7 -3.83 22.26 10.50
N ARG D 8 -4.33 23.32 9.87
CA ARG D 8 -4.46 24.61 10.52
C ARG D 8 -5.63 25.41 9.95
N GLU D 9 -5.98 26.49 10.66
CA GLU D 9 -7.00 27.39 10.16
C GLU D 9 -6.54 27.99 8.82
N ALA D 10 -7.43 28.04 7.83
CA ALA D 10 -7.19 28.77 6.59
C ALA D 10 -6.88 30.25 6.85
N GLU D 11 -5.94 30.80 6.07
CA GLU D 11 -5.61 32.23 6.06
C GLU D 11 -5.84 32.77 4.66
N PRO D 12 -6.01 34.09 4.50
CA PRO D 12 -6.17 34.77 3.20
C PRO D 12 -5.18 34.38 2.10
N LYS D 13 -3.94 34.08 2.47
CA LYS D 13 -2.94 33.66 1.48
C LYS D 13 -3.21 32.28 0.88
N ASP D 14 -4.10 31.49 1.50
CA ASP D 14 -4.49 30.20 0.95
C ASP D 14 -5.56 30.31 -0.13
N ALA D 15 -6.11 31.51 -0.34
CA ALA D 15 -7.33 31.69 -1.13
C ALA D 15 -7.24 31.06 -2.51
N ALA D 16 -6.23 31.43 -3.29
CA ALA D 16 -6.12 30.95 -4.66
C ALA D 16 -5.93 29.42 -4.73
N GLU D 17 -5.09 28.88 -3.84
CA GLU D 17 -4.92 27.44 -3.78
C GLU D 17 -6.23 26.71 -3.33
N LEU D 18 -6.99 27.32 -2.42
CA LEU D 18 -8.27 26.71 -1.98
C LEU D 18 -9.33 26.72 -3.11
N VAL D 19 -9.44 27.82 -3.84
CA VAL D 19 -10.37 27.86 -4.95
C VAL D 19 -10.02 26.74 -5.93
N ALA D 20 -8.72 26.62 -6.25
CA ALA D 20 -8.21 25.55 -7.15
C ALA D 20 -8.57 24.17 -6.61
N PHE D 21 -8.32 23.96 -5.32
CA PHE D 21 -8.67 22.71 -4.69
C PHE D 21 -10.15 22.37 -4.83
N LEU D 22 -11.00 23.36 -4.57
CA LEU D 22 -12.46 23.16 -4.54
C LEU D 22 -12.99 22.88 -5.95
N ASN D 23 -12.40 23.54 -6.92
CA ASN D 23 -12.76 23.29 -8.31
C ASN D 23 -12.35 21.90 -8.77
N ARG D 24 -11.20 21.43 -8.27
CA ARG D 24 -10.76 20.07 -8.50
C ARG D 24 -11.73 19.01 -7.91
N VAL D 25 -12.01 19.08 -6.60
CA VAL D 25 -12.90 18.08 -5.98
C VAL D 25 -14.34 18.15 -6.47
N SER D 26 -14.74 19.31 -7.00
CA SER D 26 -16.06 19.51 -7.61
C SER D 26 -16.31 18.55 -8.74
N LEU D 27 -15.24 18.17 -9.45
CA LEU D 27 -15.27 17.29 -10.60
C LEU D 27 -15.07 15.81 -10.21
N GLU D 28 -14.74 15.59 -8.95
CA GLU D 28 -14.37 14.28 -8.47
C GLU D 28 -15.59 13.46 -8.07
N THR D 29 -16.61 14.07 -7.47
CA THR D 29 -17.85 13.34 -7.11
C THR D 29 -19.08 14.19 -7.33
N ASP D 30 -20.26 13.59 -7.26
CA ASP D 30 -21.49 14.32 -7.12
C ASP D 30 -22.16 14.07 -5.76
N PHE D 31 -21.33 13.92 -4.74
CA PHE D 31 -21.84 13.71 -3.37
C PHE D 31 -22.22 15.00 -2.61
N THR D 32 -21.67 16.15 -3.00
CA THR D 32 -22.04 17.42 -2.39
C THR D 32 -22.79 18.27 -3.40
N SER D 33 -23.19 19.48 -2.98
CA SER D 33 -23.87 20.40 -3.86
C SER D 33 -22.92 21.03 -4.91
N LEU D 34 -21.62 20.93 -4.67
CA LEU D 34 -20.60 21.22 -5.69
C LEU D 34 -20.73 20.30 -6.93
N ASP D 35 -20.56 20.90 -8.11
CA ASP D 35 -20.64 20.16 -9.37
C ASP D 35 -19.67 20.69 -10.42
N GLY D 36 -19.84 20.28 -11.66
CA GLY D 36 -18.93 20.66 -12.73
C GLY D 36 -18.68 22.16 -12.85
N ASP D 37 -19.68 22.96 -12.51
CA ASP D 37 -19.53 24.43 -12.48
C ASP D 37 -18.49 24.93 -11.43
N GLY D 38 -18.21 24.13 -10.41
CA GLY D 38 -17.19 24.46 -9.41
C GLY D 38 -17.67 25.37 -8.28
N ILE D 39 -16.70 25.96 -7.57
CA ILE D 39 -16.98 26.76 -6.41
C ILE D 39 -17.53 28.13 -6.79
N LEU D 40 -17.31 28.53 -8.05
CA LEU D 40 -17.86 29.77 -8.60
C LEU D 40 -17.50 31.05 -7.82
N LEU D 41 -16.32 31.08 -7.22
CA LEU D 41 -15.79 32.24 -6.53
C LEU D 41 -14.40 32.53 -7.04
N THR D 42 -14.06 33.82 -7.18
CA THR D 42 -12.70 34.20 -7.56
C THR D 42 -11.82 34.09 -6.34
N SER D 43 -10.51 34.08 -6.57
CA SER D 43 -9.55 34.03 -5.47
C SER D 43 -9.74 35.23 -4.52
N GLU D 44 -10.18 36.35 -5.09
CA GLU D 44 -10.44 37.54 -4.28
C GLU D 44 -11.67 37.40 -3.40
N GLU D 45 -12.77 36.90 -3.97
CA GLU D 45 -13.95 36.57 -3.17
C GLU D 45 -13.64 35.56 -2.05
N MET D 46 -12.85 34.51 -2.35
CA MET D 46 -12.42 33.56 -1.33
C MET D 46 -11.60 34.20 -0.20
N GLU D 47 -10.73 35.15 -0.53
CA GLU D 47 -9.96 35.88 0.52
C GLU D 47 -10.89 36.56 1.49
N ILE D 48 -11.92 37.19 0.99
CA ILE D 48 -12.94 37.86 1.83
C ILE D 48 -13.65 36.87 2.76
N PHE D 49 -14.00 35.71 2.23
CA PHE D 49 -14.67 34.67 3.01
C PHE D 49 -13.78 34.14 4.13
N LEU D 50 -12.52 33.84 3.81
CA LEU D 50 -11.55 33.32 4.75
C LEU D 50 -11.23 34.33 5.86
N ASN D 51 -11.14 35.60 5.48
CA ASN D 51 -11.10 36.71 6.45
C ASN D 51 -12.31 36.71 7.43
N LYS D 52 -13.53 36.72 6.90
CA LYS D 52 -14.74 36.67 7.75
C LYS D 52 -14.73 35.42 8.65
N GLN D 53 -14.40 34.26 8.09
CA GLN D 53 -14.35 33.04 8.87
C GLN D 53 -13.41 33.18 10.06
N ALA D 54 -12.21 33.69 9.82
CA ALA D 54 -11.18 33.77 10.88
C ALA D 54 -11.57 34.75 12.00
N SER D 55 -12.22 35.86 11.64
CA SER D 55 -12.68 36.82 12.64
C SER D 55 -14.02 36.44 13.33
N SER D 56 -14.76 35.48 12.77
CA SER D 56 -16.03 35.02 13.37
C SER D 56 -15.79 34.09 14.55
N ASP D 57 -16.50 34.34 15.65
CA ASP D 57 -16.37 33.48 16.87
C ASP D 57 -17.12 32.13 16.81
N ASN D 58 -18.01 31.95 15.85
CA ASN D 58 -18.77 30.70 15.78
C ASN D 58 -18.65 30.00 14.40
N GLN D 59 -17.61 30.33 13.67
CA GLN D 59 -17.36 29.75 12.35
C GLN D 59 -15.88 29.50 12.21
N ILE D 60 -15.52 28.58 11.31
CA ILE D 60 -14.12 28.31 11.02
C ILE D 60 -13.93 27.47 9.76
N THR D 61 -12.84 27.73 9.05
CA THR D 61 -12.33 26.87 8.00
C THR D 61 -10.96 26.29 8.39
N LEU D 62 -10.86 24.97 8.51
CA LEU D 62 -9.58 24.30 8.71
C LEU D 62 -9.19 23.59 7.43
N LEU D 63 -7.89 23.64 7.10
CA LEU D 63 -7.32 23.00 5.91
C LEU D 63 -6.31 21.94 6.29
N ALA D 64 -6.33 20.84 5.55
CA ALA D 64 -5.28 19.80 5.63
C ALA D 64 -4.33 19.91 4.46
N PHE D 65 -3.05 20.13 4.80
CA PHE D 65 -1.95 20.12 3.83
C PHE D 65 -1.19 18.81 3.92
N LEU D 66 -1.16 18.08 2.81
CA LEU D 66 -0.33 16.90 2.63
C LEU D 66 0.85 17.30 1.74
N ASN D 67 2.06 17.28 2.30
CA ASN D 67 3.27 17.51 1.51
C ASN D 67 3.18 18.89 0.87
N GLY D 68 2.83 19.89 1.68
CA GLY D 68 2.66 21.30 1.27
C GLY D 68 1.39 21.71 0.50
N LYS D 69 0.56 20.74 0.12
CA LYS D 69 -0.62 20.96 -0.74
C LYS D 69 -1.94 20.78 0.01
N ILE D 70 -2.93 21.63 -0.27
CA ILE D 70 -4.27 21.42 0.32
C ILE D 70 -4.81 20.05 -0.15
N ALA D 71 -5.09 19.18 0.81
CA ALA D 71 -5.68 17.85 0.53
C ALA D 71 -7.11 17.73 1.02
N GLY D 72 -7.50 18.61 1.94
CA GLY D 72 -8.85 18.57 2.50
C GLY D 72 -9.26 19.85 3.21
N ILE D 73 -10.58 20.02 3.35
CA ILE D 73 -11.11 21.17 4.07
C ILE D 73 -12.28 20.71 4.96
N VAL D 74 -12.36 21.29 6.14
CA VAL D 74 -13.59 21.25 6.90
C VAL D 74 -14.08 22.68 7.19
N ASN D 75 -15.37 22.91 6.96
CA ASN D 75 -15.93 24.22 7.12
C ASN D 75 -17.08 24.18 8.12
N ILE D 76 -17.06 25.06 9.11
CA ILE D 76 -18.22 25.32 9.94
C ILE D 76 -18.73 26.74 9.65
N THR D 77 -19.99 26.85 9.26
CA THR D 77 -20.63 28.14 9.10
C THR D 77 -21.84 28.18 10.03
N ALA D 78 -22.29 29.38 10.38
CA ALA D 78 -23.37 29.56 11.36
C ALA D 78 -23.99 30.92 11.16
N ASP D 79 -25.28 31.04 11.46
CA ASP D 79 -25.94 32.33 11.44
C ASP D 79 -25.69 33.04 12.74
N GLN D 80 -26.00 34.32 12.78
CA GLN D 80 -25.64 35.14 13.95
C GLN D 80 -26.77 35.46 14.91
N ARG D 81 -28.03 35.28 14.51
CA ARG D 81 -29.18 35.54 15.40
C ARG D 81 -29.19 34.59 16.57
N LYS D 82 -29.58 35.12 17.73
CA LYS D 82 -29.54 34.33 18.97
C LYS D 82 -30.33 33.04 18.92
N ARG D 83 -31.36 32.96 18.07
CA ARG D 83 -32.20 31.75 17.94
C ARG D 83 -31.37 30.55 17.52
N VAL D 84 -30.42 30.79 16.63
CA VAL D 84 -29.69 29.75 15.91
C VAL D 84 -28.16 29.86 15.92
N ARG D 85 -27.58 30.83 16.63
CA ARG D 85 -26.13 31.06 16.54
C ARG D 85 -25.24 29.98 17.17
N HIS D 86 -25.86 29.12 17.97
CA HIS D 86 -25.22 27.97 18.58
C HIS D 86 -25.13 26.73 17.68
N ILE D 87 -25.63 26.85 16.43
CA ILE D 87 -25.68 25.75 15.45
C ILE D 87 -24.66 25.99 14.36
N GLY D 88 -23.77 25.03 14.19
CA GLY D 88 -22.76 25.09 13.16
C GLY D 88 -23.13 24.10 12.09
N ASP D 89 -23.20 24.56 10.84
CA ASP D 89 -23.42 23.66 9.71
C ASP D 89 -22.06 23.18 9.21
N LEU D 90 -21.93 21.86 8.98
CA LEU D 90 -20.67 21.27 8.59
C LEU D 90 -20.54 20.85 7.13
N PHE D 91 -19.34 21.09 6.60
CA PHE D 91 -18.94 20.65 5.26
C PHE D 91 -17.49 20.14 5.28
N ILE D 92 -17.29 18.90 4.85
CA ILE D 92 -15.95 18.31 4.63
C ILE D 92 -15.81 17.78 3.21
N VAL D 93 -14.64 18.01 2.62
CA VAL D 93 -14.29 17.33 1.40
C VAL D 93 -12.77 17.11 1.44
N ILE D 94 -12.37 15.86 1.16
CA ILE D 94 -10.98 15.43 1.01
C ILE D 94 -10.77 15.12 -0.48
N GLY D 95 -9.60 15.45 -1.02
CA GLY D 95 -9.30 15.05 -2.41
C GLY D 95 -9.28 13.53 -2.57
N LYS D 96 -9.83 13.01 -3.68
CA LYS D 96 -10.06 11.58 -3.84
C LYS D 96 -8.78 10.75 -3.77
N ARG D 97 -7.69 11.39 -4.14
CA ARG D 97 -6.39 10.78 -3.98
C ARG D 97 -6.05 10.47 -2.50
N TYR D 98 -6.73 11.12 -1.54
CA TYR D 98 -6.34 10.97 -0.15
C TYR D 98 -7.41 10.32 0.73
N TRP D 99 -8.40 9.71 0.10
CA TRP D 99 -9.47 9.11 0.86
C TRP D 99 -9.00 7.83 1.53
N ASN D 100 -9.84 7.30 2.41
CA ASN D 100 -9.68 5.95 2.95
C ASN D 100 -8.39 5.81 3.76
N ASN D 101 -7.90 6.92 4.30
CA ASN D 101 -6.66 6.92 5.08
C ASN D 101 -6.77 7.67 6.40
N GLY D 102 -7.99 7.91 6.88
CA GLY D 102 -8.15 8.57 8.18
C GLY D 102 -8.10 10.11 8.18
N LEU D 103 -7.89 10.73 7.04
CA LEU D 103 -7.77 12.20 7.01
C LEU D 103 -9.12 12.93 7.34
N GLY D 104 -10.21 12.50 6.72
CA GLY D 104 -11.54 12.98 7.10
C GLY D 104 -11.68 13.02 8.60
N SER D 105 -11.37 11.92 9.26
CA SER D 105 -11.49 11.80 10.72
C SER D 105 -10.71 12.85 11.48
N LEU D 106 -9.48 13.09 11.06
CA LEU D 106 -8.61 14.05 11.74
C LEU D 106 -9.10 15.49 11.62
N LEU D 107 -9.58 15.87 10.43
CA LEU D 107 -10.14 17.21 10.21
C LEU D 107 -11.39 17.43 11.06
N LEU D 108 -12.22 16.40 11.11
CA LEU D 108 -13.47 16.45 11.84
C LEU D 108 -13.23 16.53 13.35
N GLU D 109 -12.32 15.70 13.86
CA GLU D 109 -11.91 15.77 15.27
C GLU D 109 -11.55 17.18 15.66
N GLU D 110 -10.69 17.80 14.86
CA GLU D 110 -10.21 19.14 15.16
C GLU D 110 -11.30 20.21 15.11
N ALA D 111 -12.23 20.06 14.15
CA ALA D 111 -13.36 20.98 14.03
C ALA D 111 -14.27 20.86 15.26
N ILE D 112 -14.48 19.61 15.70
CA ILE D 112 -15.28 19.31 16.87
C ILE D 112 -14.60 19.86 18.11
N GLU D 113 -13.29 19.63 18.26
CA GLU D 113 -12.51 20.28 19.35
C GLU D 113 -12.66 21.79 19.40
N TRP D 114 -12.54 22.42 18.23
CA TRP D 114 -12.72 23.86 18.10
C TRP D 114 -14.13 24.31 18.44
N ALA D 115 -15.12 23.58 17.96
CA ALA D 115 -16.51 23.95 18.24
C ALA D 115 -16.81 23.83 19.76
N GLN D 116 -16.32 22.74 20.38
CA GLN D 116 -16.37 22.59 21.83
C GLN D 116 -15.72 23.75 22.58
N ALA D 117 -14.53 24.16 22.18
CA ALA D 117 -13.83 25.24 22.85
C ALA D 117 -14.46 26.62 22.63
N SER D 118 -15.35 26.74 21.63
CA SER D 118 -15.92 28.04 21.26
C SER D 118 -16.77 28.70 22.37
N GLY D 119 -17.40 27.88 23.22
CA GLY D 119 -18.36 28.36 24.21
C GLY D 119 -19.65 28.89 23.59
N ILE D 120 -19.80 28.73 22.27
CA ILE D 120 -20.95 29.27 21.53
C ILE D 120 -21.69 28.12 20.84
N LEU D 121 -20.96 27.30 20.10
CA LEU D 121 -21.60 26.24 19.39
C LEU D 121 -21.98 25.13 20.36
N ARG D 122 -23.27 24.76 20.30
CA ARG D 122 -23.84 23.70 21.11
C ARG D 122 -24.49 22.65 20.22
N ARG D 123 -24.42 22.85 18.90
CA ARG D 123 -24.96 21.87 17.97
C ARG D 123 -24.19 21.93 16.64
N LEU D 124 -23.84 20.75 16.11
CA LEU D 124 -23.31 20.63 14.75
C LEU D 124 -24.27 19.81 13.89
N GLN D 125 -24.39 20.12 12.60
CA GLN D 125 -25.35 19.43 11.72
C GLN D 125 -24.97 19.48 10.25
N LEU D 126 -25.59 18.61 9.48
CA LEU D 126 -25.45 18.65 8.04
C LEU D 126 -26.47 17.73 7.41
N THR D 127 -26.53 17.78 6.09
CA THR D 127 -27.31 16.80 5.38
C THR D 127 -26.33 16.01 4.52
N VAL D 128 -26.59 14.73 4.36
CA VAL D 128 -25.71 13.85 3.63
C VAL D 128 -26.58 12.96 2.77
N GLN D 129 -26.20 12.77 1.52
CA GLN D 129 -26.94 11.85 0.65
C GLN D 129 -26.89 10.43 1.26
N THR D 130 -28.03 9.74 1.27
CA THR D 130 -28.17 8.44 1.92
C THR D 130 -27.21 7.36 1.31
N ARG D 131 -26.95 7.50 0.01
CA ARG D 131 -26.05 6.61 -0.69
C ARG D 131 -24.57 6.86 -0.33
N ASN D 132 -24.23 7.99 0.29
CA ASN D 132 -22.84 8.36 0.50
C ASN D 132 -22.42 7.71 1.78
N GLN D 133 -22.26 6.39 1.68
CA GLN D 133 -22.03 5.55 2.84
C GLN D 133 -20.75 5.90 3.58
N ALA D 134 -19.70 6.30 2.86
CA ALA D 134 -18.43 6.70 3.52
C ALA D 134 -18.60 7.92 4.40
N ALA D 135 -19.33 8.92 3.88
CA ALA D 135 -19.63 10.12 4.66
C ALA D 135 -20.49 9.82 5.88
N VAL D 136 -21.55 9.05 5.69
CA VAL D 136 -22.43 8.65 6.79
C VAL D 136 -21.68 7.94 7.92
N HIS D 137 -20.72 7.08 7.56
CA HIS D 137 -19.96 6.35 8.60
C HIS D 137 -18.93 7.24 9.27
N LEU D 138 -18.32 8.15 8.51
CA LEU D 138 -17.37 9.11 9.10
C LEU D 138 -18.04 9.97 10.19
N TYR D 139 -19.21 10.49 9.85
CA TYR D 139 -19.95 11.32 10.78
C TYR D 139 -20.50 10.48 11.95
N GLN D 140 -21.00 9.28 11.69
CA GLN D 140 -21.44 8.40 12.78
C GLN D 140 -20.29 8.02 13.75
N LYS D 141 -19.07 7.89 13.24
CA LYS D 141 -17.88 7.61 14.04
C LYS D 141 -17.58 8.74 15.02
N HIS D 142 -17.96 9.96 14.67
CA HIS D 142 -17.71 11.08 15.54
C HIS D 142 -18.95 11.52 16.33
N GLY D 143 -19.91 10.62 16.46
CA GLY D 143 -21.10 10.85 17.30
C GLY D 143 -22.22 11.71 16.71
N PHE D 144 -22.20 11.93 15.39
CA PHE D 144 -23.36 12.44 14.69
C PHE D 144 -24.34 11.29 14.58
N VAL D 145 -25.61 11.63 14.70
CA VAL D 145 -26.69 10.68 14.61
C VAL D 145 -27.65 11.11 13.50
N ILE D 146 -28.23 10.14 12.79
CA ILE D 146 -29.31 10.44 11.85
C ILE D 146 -30.56 10.88 12.60
N GLU D 147 -31.10 12.00 12.16
CA GLU D 147 -32.25 12.65 12.78
C GLU D 147 -33.51 12.63 11.88
N GLY D 148 -33.34 12.27 10.63
CA GLY D 148 -34.47 12.13 9.71
C GLY D 148 -33.97 11.98 8.30
N SER D 149 -34.91 11.87 7.36
CA SER D 149 -34.55 11.89 5.98
C SER D 149 -35.60 12.55 5.10
N GLN D 150 -35.09 13.08 3.99
CA GLN D 150 -35.82 14.00 3.12
C GLN D 150 -35.69 13.53 1.69
N GLU D 151 -36.82 13.23 1.11
CA GLU D 151 -36.94 12.85 -0.29
C GLU D 151 -36.71 14.08 -1.19
N ARG D 152 -36.02 13.87 -2.30
CA ARG D 152 -35.56 14.97 -3.17
C ARG D 152 -34.65 15.99 -2.47
N GLY D 153 -33.83 15.52 -1.55
CA GLY D 153 -32.89 16.38 -0.89
C GLY D 153 -31.76 16.76 -1.82
N ALA D 154 -31.57 15.98 -2.87
CA ALA D 154 -30.54 16.26 -3.87
C ALA D 154 -31.01 15.83 -5.26
N TYR D 155 -30.51 16.52 -6.27
CA TYR D 155 -30.76 16.15 -7.65
C TYR D 155 -29.42 15.84 -8.28
N ILE D 156 -29.30 14.67 -8.92
CA ILE D 156 -28.04 14.20 -9.53
C ILE D 156 -28.29 13.74 -10.97
N GLU D 157 -27.21 13.58 -11.72
CA GLU D 157 -27.25 13.27 -13.16
C GLU D 157 -28.00 14.36 -13.94
N LYS D 160 -32.09 12.50 -11.67
CA LYS D 160 -32.51 11.65 -10.55
C LYS D 160 -32.56 12.40 -9.21
N PHE D 161 -33.71 12.32 -8.54
CA PHE D 161 -33.90 12.84 -7.18
C PHE D 161 -33.56 11.74 -6.22
N ILE D 162 -32.80 12.09 -5.17
CA ILE D 162 -32.33 11.11 -4.19
C ILE D 162 -32.53 11.66 -2.79
N ASP D 163 -32.55 10.76 -1.81
CA ASP D 163 -32.85 11.14 -0.45
C ASP D 163 -31.56 11.60 0.24
N VAL D 164 -31.72 12.43 1.26
CA VAL D 164 -30.64 12.81 2.16
C VAL D 164 -31.05 12.52 3.58
N TYR D 165 -30.04 12.23 4.40
CA TYR D 165 -30.17 12.25 5.86
C TYR D 165 -29.83 13.62 6.38
N LEU D 166 -30.58 13.99 7.40
CA LEU D 166 -30.19 15.04 8.31
C LEU D 166 -29.48 14.37 9.46
N MET D 167 -28.33 14.92 9.81
CA MET D 167 -27.50 14.36 10.85
C MET D 167 -27.11 15.48 11.80
N GLY D 168 -27.09 15.20 13.10
CA GLY D 168 -26.60 16.20 14.04
C GLY D 168 -25.88 15.62 15.24
N LYS D 169 -25.14 16.51 15.91
CA LYS D 169 -24.41 16.21 17.12
C LYS D 169 -24.58 17.34 18.15
N LEU D 170 -24.92 17.00 19.38
CA LEU D 170 -24.91 17.99 20.48
C LEU D 170 -23.51 18.11 21.09
N ILE D 171 -23.02 19.34 21.22
CA ILE D 171 -21.73 19.54 21.87
C ILE D 171 -21.92 20.46 23.05
N GLY D 172 -21.19 20.18 24.13
CA GLY D 172 -21.49 20.73 25.47
C GLY D 172 -22.82 20.21 26.05
N GLU E 4 56.10 -29.81 -18.45
CA GLU E 4 54.70 -30.15 -18.85
C GLU E 4 53.66 -29.29 -18.08
N LEU E 5 52.83 -28.58 -18.84
CA LEU E 5 51.97 -27.53 -18.32
C LEU E 5 50.59 -27.68 -18.92
N LEU E 6 49.58 -27.87 -18.06
CA LEU E 6 48.18 -27.79 -18.49
C LEU E 6 47.46 -26.64 -17.77
N ILE E 7 46.73 -25.84 -18.54
CA ILE E 7 45.83 -24.84 -17.97
C ILE E 7 44.39 -25.22 -18.27
N ARG E 8 43.59 -25.37 -17.23
CA ARG E 8 42.18 -25.65 -17.37
C ARG E 8 41.42 -25.07 -16.20
N GLU E 9 40.11 -25.03 -16.37
CA GLU E 9 39.19 -24.60 -15.35
C GLU E 9 39.18 -25.57 -14.18
N ALA E 10 39.11 -25.02 -12.97
CA ALA E 10 38.99 -25.82 -11.74
C ALA E 10 37.75 -26.72 -11.73
N GLU E 11 37.93 -27.90 -11.18
CA GLU E 11 36.85 -28.88 -10.99
C GLU E 11 36.79 -29.16 -9.49
N PRO E 12 35.62 -29.55 -8.96
CA PRO E 12 35.52 -29.85 -7.51
C PRO E 12 36.53 -30.86 -6.96
N LYS E 13 37.05 -31.73 -7.81
CA LYS E 13 38.08 -32.70 -7.42
C LYS E 13 39.44 -32.07 -7.09
N ASP E 14 39.61 -30.80 -7.47
CA ASP E 14 40.84 -30.03 -7.21
C ASP E 14 40.86 -29.35 -5.82
N ALA E 15 39.73 -29.39 -5.11
CA ALA E 15 39.50 -28.63 -3.88
C ALA E 15 40.59 -28.85 -2.82
N ALA E 16 40.86 -30.09 -2.48
CA ALA E 16 41.86 -30.39 -1.46
C ALA E 16 43.22 -29.82 -1.84
N GLU E 17 43.62 -30.03 -3.10
CA GLU E 17 44.94 -29.61 -3.58
C GLU E 17 45.03 -28.09 -3.77
N LEU E 18 43.92 -27.47 -4.16
CA LEU E 18 43.85 -26.01 -4.23
C LEU E 18 43.96 -25.38 -2.86
N VAL E 19 43.24 -25.90 -1.88
CA VAL E 19 43.38 -25.41 -0.50
C VAL E 19 44.83 -25.53 -0.04
N ALA E 20 45.48 -26.68 -0.34
CA ALA E 20 46.88 -26.89 0.04
C ALA E 20 47.79 -25.85 -0.64
N PHE E 21 47.55 -25.60 -1.92
CA PHE E 21 48.34 -24.63 -2.72
C PHE E 21 48.23 -23.21 -2.15
N LEU E 22 46.99 -22.80 -1.85
CA LEU E 22 46.69 -21.47 -1.32
C LEU E 22 47.29 -21.26 0.06
N ASN E 23 47.27 -22.28 0.91
CA ASN E 23 47.96 -22.20 2.19
C ASN E 23 49.48 -22.13 2.05
N ARG E 24 50.03 -22.80 1.04
CA ARG E 24 51.47 -22.67 0.75
C ARG E 24 51.86 -21.25 0.29
N VAL E 25 51.16 -20.74 -0.72
CA VAL E 25 51.46 -19.40 -1.24
C VAL E 25 51.19 -18.30 -0.22
N SER E 26 50.24 -18.51 0.69
CA SER E 26 49.95 -17.59 1.82
C SER E 26 51.18 -17.31 2.68
N LEU E 27 52.11 -18.25 2.72
CA LEU E 27 53.31 -18.13 3.50
C LEU E 27 54.51 -17.66 2.68
N GLU E 28 54.35 -17.58 1.35
CA GLU E 28 55.44 -17.19 0.45
C GLU E 28 55.66 -15.68 0.33
N THR E 29 54.57 -14.89 0.41
CA THR E 29 54.66 -13.42 0.28
C THR E 29 53.58 -12.70 1.10
N ASP E 30 53.73 -11.38 1.21
CA ASP E 30 52.68 -10.55 1.79
C ASP E 30 52.14 -9.53 0.77
N PHE E 31 52.13 -9.93 -0.50
CA PHE E 31 51.59 -9.10 -1.59
C PHE E 31 50.08 -9.16 -1.76
N THR E 32 49.46 -10.23 -1.26
CA THR E 32 48.00 -10.36 -1.27
C THR E 32 47.43 -10.23 0.14
N SER E 33 46.11 -10.30 0.25
CA SER E 33 45.44 -10.36 1.56
C SER E 33 45.75 -11.61 2.37
N LEU E 34 46.25 -12.66 1.71
CA LEU E 34 46.65 -13.89 2.37
C LEU E 34 47.83 -13.59 3.28
N ASP E 35 47.74 -14.08 4.51
CA ASP E 35 48.85 -14.01 5.44
C ASP E 35 49.04 -15.42 6.07
N GLY E 36 49.84 -15.53 7.13
CA GLY E 36 50.10 -16.82 7.79
C GLY E 36 48.87 -17.63 8.23
N ASP E 37 47.74 -16.97 8.44
CA ASP E 37 46.49 -17.67 8.78
C ASP E 37 45.94 -18.51 7.63
N GLY E 38 46.45 -18.30 6.42
CA GLY E 38 46.07 -19.13 5.27
C GLY E 38 44.72 -18.77 4.70
N ILE E 39 44.17 -19.69 3.91
CA ILE E 39 42.92 -19.43 3.17
C ILE E 39 41.68 -19.55 4.05
N LEU E 40 41.79 -20.30 5.15
CA LEU E 40 40.72 -20.45 6.15
C LEU E 40 39.42 -21.03 5.55
N LEU E 41 39.60 -21.99 4.66
CA LEU E 41 38.53 -22.70 4.01
C LEU E 41 38.88 -24.18 4.09
N THR E 42 37.87 -24.99 4.38
CA THR E 42 38.02 -26.43 4.34
C THR E 42 37.98 -26.87 2.88
N SER E 43 38.50 -28.07 2.59
CA SER E 43 38.43 -28.65 1.27
C SER E 43 36.97 -28.78 0.79
N GLU E 44 36.07 -28.91 1.75
CA GLU E 44 34.66 -29.07 1.45
C GLU E 44 34.03 -27.73 1.14
N GLU E 45 34.43 -26.69 1.87
CA GLU E 45 34.02 -25.32 1.49
C GLU E 45 34.53 -24.95 0.11
N MET E 46 35.76 -25.37 -0.21
CA MET E 46 36.37 -25.02 -1.49
C MET E 46 35.67 -25.71 -2.65
N GLU E 47 35.17 -26.93 -2.41
CA GLU E 47 34.36 -27.66 -3.39
C GLU E 47 33.11 -26.89 -3.74
N ILE E 48 32.46 -26.38 -2.70
CA ILE E 48 31.27 -25.57 -2.84
C ILE E 48 31.62 -24.37 -3.71
N PHE E 49 32.72 -23.69 -3.38
CA PHE E 49 33.18 -22.52 -4.15
C PHE E 49 33.42 -22.82 -5.63
N LEU E 50 34.21 -23.84 -5.90
CA LEU E 50 34.56 -24.22 -7.27
C LEU E 50 33.32 -24.63 -8.09
N ASN E 51 32.35 -25.30 -7.47
CA ASN E 51 31.07 -25.57 -8.14
C ASN E 51 30.36 -24.27 -8.52
N LYS E 52 30.22 -23.34 -7.56
CA LYS E 52 29.64 -22.02 -7.84
C LYS E 52 30.33 -21.33 -9.01
N GLN E 53 31.66 -21.31 -9.02
CA GLN E 53 32.43 -20.64 -10.07
C GLN E 53 32.16 -21.26 -11.44
N ALA E 54 32.05 -22.58 -11.47
CA ALA E 54 31.89 -23.33 -12.73
C ALA E 54 30.51 -23.12 -13.36
N SER E 55 29.48 -23.03 -12.54
CA SER E 55 28.14 -22.77 -13.04
C SER E 55 27.86 -21.29 -13.31
N SER E 56 28.72 -20.40 -12.80
CA SER E 56 28.53 -18.97 -12.97
C SER E 56 28.91 -18.54 -14.38
N ASP E 57 28.06 -17.71 -14.96
CA ASP E 57 28.29 -17.21 -16.29
C ASP E 57 29.33 -16.06 -16.29
N ASN E 58 29.47 -15.36 -15.17
CA ASN E 58 30.39 -14.22 -15.11
C ASN E 58 31.58 -14.39 -14.14
N GLN E 59 31.92 -15.62 -13.83
CA GLN E 59 32.98 -15.94 -12.88
C GLN E 59 33.67 -17.25 -13.29
N ILE E 60 34.94 -17.38 -12.91
CA ILE E 60 35.76 -18.50 -13.30
C ILE E 60 37.01 -18.60 -12.43
N THR E 61 37.41 -19.85 -12.18
CA THR E 61 38.68 -20.22 -11.61
C THR E 61 39.41 -21.11 -12.59
N LEU E 62 40.58 -20.67 -13.02
CA LEU E 62 41.46 -21.44 -13.89
C LEU E 62 42.71 -21.83 -13.11
N LEU E 63 43.17 -23.06 -13.31
CA LEU E 63 44.30 -23.59 -12.57
C LEU E 63 45.41 -23.90 -13.54
N ALA E 64 46.65 -23.69 -13.12
CA ALA E 64 47.80 -24.13 -13.90
C ALA E 64 48.41 -25.37 -13.20
N PHE E 65 48.60 -26.46 -13.95
CA PHE E 65 49.25 -27.66 -13.42
C PHE E 65 50.60 -27.84 -14.07
N LEU E 66 51.62 -28.04 -13.24
CA LEU E 66 52.97 -28.34 -13.70
C LEU E 66 53.29 -29.79 -13.31
N ASN E 67 53.43 -30.66 -14.32
CA ASN E 67 53.61 -32.09 -14.11
C ASN E 67 52.56 -32.64 -13.13
N GLY E 68 51.31 -32.22 -13.33
CA GLY E 68 50.16 -32.72 -12.59
C GLY E 68 49.86 -32.04 -11.25
N LYS E 69 50.66 -31.07 -10.84
CA LYS E 69 50.41 -30.39 -9.56
C LYS E 69 50.15 -28.90 -9.78
N ILE E 70 49.21 -28.33 -9.00
CA ILE E 70 48.84 -26.93 -9.27
C ILE E 70 50.02 -26.02 -8.92
N ALA E 71 50.34 -25.14 -9.88
CA ALA E 71 51.46 -24.21 -9.78
C ALA E 71 50.95 -22.77 -9.77
N GLY E 72 49.67 -22.57 -10.04
CA GLY E 72 49.09 -21.23 -10.05
C GLY E 72 47.60 -21.24 -10.25
N ILE E 73 46.98 -20.11 -9.90
CA ILE E 73 45.54 -19.91 -10.02
C ILE E 73 45.24 -18.49 -10.45
N VAL E 74 44.25 -18.36 -11.34
CA VAL E 74 43.63 -17.08 -11.57
C VAL E 74 42.13 -17.21 -11.29
N ASN E 75 41.61 -16.21 -10.58
CA ASN E 75 40.21 -16.14 -10.21
C ASN E 75 39.60 -14.84 -10.76
N ILE E 76 38.40 -14.95 -11.33
CA ILE E 76 37.50 -13.80 -11.54
C ILE E 76 36.23 -14.05 -10.73
N THR E 77 35.92 -13.11 -9.82
CA THR E 77 34.64 -13.11 -9.14
C THR E 77 33.92 -11.84 -9.52
N ALA E 78 32.62 -11.85 -9.33
CA ALA E 78 31.79 -10.74 -9.74
C ALA E 78 30.50 -10.76 -8.95
N ASP E 79 30.03 -9.56 -8.62
CA ASP E 79 28.69 -9.37 -8.06
C ASP E 79 27.61 -9.65 -9.11
N GLN E 80 26.43 -10.03 -8.64
CA GLN E 80 25.32 -10.43 -9.55
C GLN E 80 24.32 -9.33 -9.88
N ARG E 81 24.26 -8.26 -9.08
CA ARG E 81 23.36 -7.15 -9.38
C ARG E 81 23.68 -6.51 -10.74
N LYS E 82 22.64 -6.04 -11.42
CA LYS E 82 22.75 -5.58 -12.79
C LYS E 82 23.66 -4.35 -12.92
N ARG E 83 23.73 -3.54 -11.85
CA ARG E 83 24.58 -2.34 -11.80
C ARG E 83 26.06 -2.68 -12.10
N VAL E 84 26.51 -3.83 -11.63
CA VAL E 84 27.93 -4.17 -11.60
C VAL E 84 28.24 -5.60 -12.06
N ARG E 85 27.27 -6.32 -12.61
CA ARG E 85 27.50 -7.73 -12.93
C ARG E 85 28.48 -8.00 -14.09
N HIS E 86 28.75 -6.93 -14.83
CA HIS E 86 29.71 -6.91 -15.93
C HIS E 86 31.13 -6.67 -15.48
N ILE E 87 31.35 -6.55 -14.16
CA ILE E 87 32.68 -6.29 -13.61
C ILE E 87 33.22 -7.55 -12.93
N GLY E 88 34.35 -8.04 -13.45
CA GLY E 88 35.10 -9.10 -12.81
C GLY E 88 36.29 -8.61 -12.03
N ASP E 89 36.37 -9.00 -10.75
CA ASP E 89 37.50 -8.73 -9.88
C ASP E 89 38.50 -9.85 -10.02
N LEU E 90 39.74 -9.50 -10.31
CA LEU E 90 40.77 -10.48 -10.64
C LEU E 90 41.70 -10.76 -9.47
N PHE E 91 42.13 -12.02 -9.40
CA PHE E 91 43.11 -12.45 -8.42
C PHE E 91 44.00 -13.50 -9.08
N ILE E 92 45.30 -13.38 -8.93
CA ILE E 92 46.22 -14.38 -9.51
C ILE E 92 47.41 -14.59 -8.58
N VAL E 93 47.81 -15.84 -8.41
CA VAL E 93 49.00 -16.13 -7.65
C VAL E 93 49.68 -17.38 -8.20
N ILE E 94 51.00 -17.33 -8.24
CA ILE E 94 51.85 -18.38 -8.78
C ILE E 94 52.73 -18.80 -7.61
N GLY E 95 53.03 -20.09 -7.54
CA GLY E 95 53.98 -20.56 -6.56
C GLY E 95 55.31 -19.90 -6.84
N LYS E 96 55.94 -19.38 -5.78
CA LYS E 96 57.17 -18.58 -5.88
C LYS E 96 58.29 -19.25 -6.67
N ARG E 97 58.49 -20.55 -6.49
CA ARG E 97 59.54 -21.26 -7.21
C ARG E 97 59.34 -21.22 -8.73
N TYR E 98 58.12 -20.99 -9.19
CA TYR E 98 57.86 -20.91 -10.64
C TYR E 98 57.71 -19.49 -11.22
N TRP E 99 58.06 -18.46 -10.46
CA TRP E 99 57.92 -17.12 -10.98
C TRP E 99 58.88 -16.88 -12.15
N ASN E 100 58.55 -15.89 -12.98
CA ASN E 100 59.44 -15.40 -14.05
C ASN E 100 59.73 -16.45 -15.14
N ASN E 101 58.79 -17.38 -15.34
CA ASN E 101 58.82 -18.34 -16.43
C ASN E 101 57.58 -18.24 -17.32
N GLY E 102 56.87 -17.10 -17.21
CA GLY E 102 55.70 -16.85 -18.02
C GLY E 102 54.36 -17.46 -17.63
N LEU E 103 54.30 -18.19 -16.51
CA LEU E 103 53.00 -18.78 -16.09
C LEU E 103 51.89 -17.74 -15.81
N GLY E 104 52.23 -16.65 -15.14
CA GLY E 104 51.27 -15.59 -14.81
C GLY E 104 50.66 -14.93 -16.03
N SER E 105 51.49 -14.60 -17.02
CA SER E 105 50.99 -14.10 -18.31
C SER E 105 50.10 -15.09 -19.06
N LEU E 106 50.53 -16.36 -19.10
CA LEU E 106 49.74 -17.44 -19.71
C LEU E 106 48.36 -17.49 -19.08
N LEU E 107 48.32 -17.59 -17.76
CA LEU E 107 47.07 -17.63 -17.00
C LEU E 107 46.19 -16.40 -17.15
N LEU E 108 46.80 -15.23 -17.05
CA LEU E 108 46.09 -13.95 -17.21
C LEU E 108 45.52 -13.86 -18.62
N GLU E 109 46.25 -14.32 -19.63
CA GLU E 109 45.71 -14.25 -21.00
C GLU E 109 44.49 -15.18 -21.20
N GLU E 110 44.53 -16.35 -20.58
CA GLU E 110 43.39 -17.28 -20.60
C GLU E 110 42.14 -16.71 -19.92
N ALA E 111 42.35 -16.02 -18.81
CA ALA E 111 41.28 -15.37 -18.06
C ALA E 111 40.61 -14.28 -18.90
N ILE E 112 41.44 -13.48 -19.57
CA ILE E 112 40.97 -12.36 -20.40
C ILE E 112 40.16 -12.91 -21.58
N GLU E 113 40.70 -13.95 -22.24
CA GLU E 113 39.98 -14.62 -23.33
C GLU E 113 38.61 -15.12 -22.87
N TRP E 114 38.58 -15.81 -21.73
CA TRP E 114 37.33 -16.31 -21.21
C TRP E 114 36.39 -15.13 -20.96
N ALA E 115 36.92 -14.10 -20.31
CA ALA E 115 36.10 -12.93 -19.96
C ALA E 115 35.52 -12.30 -21.22
N GLN E 116 36.34 -12.18 -22.26
CA GLN E 116 35.89 -11.64 -23.54
C GLN E 116 34.76 -12.43 -24.16
N ALA E 117 34.88 -13.76 -24.10
CA ALA E 117 33.89 -14.68 -24.65
C ALA E 117 32.60 -14.77 -23.85
N SER E 118 32.67 -14.55 -22.54
CA SER E 118 31.52 -14.67 -21.64
C SER E 118 30.27 -13.93 -22.15
N GLY E 119 30.45 -12.77 -22.77
CA GLY E 119 29.34 -11.93 -23.20
C GLY E 119 28.73 -11.08 -22.08
N ILE E 120 29.14 -11.33 -20.83
CA ILE E 120 28.63 -10.57 -19.69
C ILE E 120 29.68 -9.56 -19.22
N LEU E 121 30.91 -10.03 -19.02
CA LEU E 121 31.97 -9.20 -18.46
C LEU E 121 32.44 -8.17 -19.46
N ARG E 122 32.43 -6.92 -19.02
CA ARG E 122 32.86 -5.78 -19.87
C ARG E 122 33.94 -4.96 -19.18
N ARG E 123 34.34 -5.37 -17.98
CA ARG E 123 35.39 -4.73 -17.26
C ARG E 123 36.05 -5.76 -16.35
N LEU E 124 37.38 -5.70 -16.32
CA LEU E 124 38.17 -6.46 -15.39
C LEU E 124 38.96 -5.49 -14.51
N GLN E 125 39.12 -5.81 -13.23
CA GLN E 125 39.74 -4.86 -12.29
C GLN E 125 40.40 -5.54 -11.10
N LEU E 126 41.28 -4.80 -10.45
CA LEU E 126 41.94 -5.24 -9.23
C LEU E 126 42.64 -4.12 -8.48
N THR E 127 43.07 -4.45 -7.27
CA THR E 127 43.86 -3.56 -6.43
C THR E 127 45.23 -4.20 -6.26
N VAL E 128 46.30 -3.43 -6.45
CA VAL E 128 47.65 -3.97 -6.33
C VAL E 128 48.48 -3.04 -5.47
N GLN E 129 49.23 -3.60 -4.53
CA GLN E 129 50.18 -2.82 -3.75
C GLN E 129 51.20 -2.16 -4.71
N THR E 130 51.39 -0.84 -4.58
CA THR E 130 52.30 -0.07 -5.44
C THR E 130 53.72 -0.64 -5.42
N ARG E 131 54.12 -1.22 -4.29
CA ARG E 131 55.47 -1.79 -4.19
C ARG E 131 55.57 -3.11 -4.91
N ASN E 132 54.42 -3.71 -5.24
CA ASN E 132 54.39 -4.98 -5.94
C ASN E 132 54.60 -4.81 -7.45
N GLN E 133 55.82 -4.43 -7.82
CA GLN E 133 56.11 -3.96 -9.18
C GLN E 133 56.03 -5.05 -10.24
N ALA E 134 56.37 -6.28 -9.87
CA ALA E 134 56.13 -7.44 -10.73
C ALA E 134 54.67 -7.53 -11.20
N ALA E 135 53.73 -7.40 -10.26
CA ALA E 135 52.30 -7.46 -10.59
C ALA E 135 51.88 -6.29 -11.45
N VAL E 136 52.30 -5.10 -11.07
CA VAL E 136 51.97 -3.86 -11.79
C VAL E 136 52.39 -3.97 -13.25
N HIS E 137 53.62 -4.41 -13.45
CA HIS E 137 54.18 -4.58 -14.79
C HIS E 137 53.40 -5.62 -15.60
N LEU E 138 53.13 -6.77 -15.00
CA LEU E 138 52.39 -7.86 -15.66
C LEU E 138 50.99 -7.39 -16.07
N TYR E 139 50.30 -6.74 -15.14
CA TYR E 139 48.97 -6.26 -15.44
C TYR E 139 49.00 -5.22 -16.54
N GLN E 140 49.98 -4.32 -16.52
CA GLN E 140 50.11 -3.30 -17.60
C GLN E 140 50.40 -3.95 -18.97
N LYS E 141 51.27 -4.94 -18.96
CA LYS E 141 51.61 -5.73 -20.14
C LYS E 141 50.38 -6.31 -20.84
N HIS E 142 49.35 -6.65 -20.07
CA HIS E 142 48.10 -7.18 -20.64
C HIS E 142 46.98 -6.15 -20.82
N GLY E 143 47.34 -4.86 -20.75
CA GLY E 143 46.43 -3.77 -21.08
C GLY E 143 45.68 -3.20 -19.89
N PHE E 144 46.06 -3.56 -18.67
CA PHE E 144 45.48 -2.89 -17.51
C PHE E 144 46.15 -1.53 -17.32
N VAL E 145 45.36 -0.52 -17.01
CA VAL E 145 45.85 0.83 -16.69
C VAL E 145 45.63 1.16 -15.22
N ILE E 146 46.51 1.99 -14.66
CA ILE E 146 46.34 2.49 -13.30
C ILE E 146 45.24 3.58 -13.27
N GLU E 147 44.20 3.35 -12.48
CA GLU E 147 43.01 4.21 -12.43
C GLU E 147 42.90 5.05 -11.16
N GLY E 148 43.69 4.69 -10.15
CA GLY E 148 43.71 5.50 -8.94
C GLY E 148 44.77 4.97 -8.02
N SER E 149 45.03 5.72 -6.96
CA SER E 149 45.98 5.29 -5.94
C SER E 149 45.36 5.59 -4.59
N GLN E 150 45.49 4.66 -3.64
CA GLN E 150 44.84 4.83 -2.35
C GLN E 150 45.84 4.61 -1.20
N GLU E 151 45.91 5.61 -0.30
CA GLU E 151 46.73 5.52 0.92
C GLU E 151 46.12 4.57 1.96
N ARG E 152 46.98 3.81 2.62
CA ARG E 152 46.56 2.76 3.55
C ARG E 152 45.61 1.77 2.87
N GLY E 153 45.88 1.42 1.63
CA GLY E 153 45.14 0.34 0.98
C GLY E 153 45.53 -1.05 1.48
N ALA E 154 46.61 -1.14 2.25
CA ALA E 154 47.08 -2.40 2.81
C ALA E 154 47.91 -2.16 4.07
N TYR E 155 47.96 -3.17 4.91
CA TYR E 155 48.68 -3.12 6.16
C TYR E 155 49.58 -4.33 6.19
N ILE E 156 50.87 -4.13 6.38
CA ILE E 156 51.84 -5.24 6.43
C ILE E 156 52.75 -5.06 7.65
N GLU E 157 53.51 -6.10 7.95
CA GLU E 157 54.58 -6.10 8.98
C GLU E 157 54.17 -5.63 10.38
N GLU E 158 52.93 -5.91 10.78
CA GLU E 158 52.44 -5.54 12.13
C GLU E 158 52.71 -4.05 12.45
N GLY E 159 52.02 -3.15 11.73
CA GLY E 159 52.39 -1.72 11.56
C GLY E 159 53.47 -1.92 10.51
N LYS E 160 53.25 -1.61 9.23
CA LYS E 160 52.87 -0.33 8.70
C LYS E 160 51.85 -0.31 7.52
N PHE E 161 51.31 0.89 7.25
CA PHE E 161 50.37 1.10 6.15
C PHE E 161 51.05 1.47 4.83
N ILE E 162 50.57 0.87 3.75
CA ILE E 162 51.14 1.04 2.42
C ILE E 162 50.05 1.28 1.38
N ASP E 163 50.48 1.92 0.27
CA ASP E 163 49.60 2.36 -0.80
C ASP E 163 49.31 1.25 -1.80
N VAL E 164 48.16 1.38 -2.43
CA VAL E 164 47.77 0.48 -3.49
C VAL E 164 47.37 1.27 -4.72
N TYR E 165 47.47 0.64 -5.87
CA TYR E 165 46.91 1.19 -7.11
C TYR E 165 45.65 0.42 -7.46
N LEU E 166 44.69 1.09 -8.07
CA LEU E 166 43.60 0.37 -8.71
C LEU E 166 43.85 0.32 -10.19
N MET E 167 43.51 -0.83 -10.77
CA MET E 167 43.81 -1.12 -12.17
C MET E 167 42.60 -1.75 -12.80
N GLY E 168 42.35 -1.39 -14.05
CA GLY E 168 41.24 -1.95 -14.80
C GLY E 168 41.54 -2.10 -16.28
N LYS E 169 40.71 -2.89 -16.93
CA LYS E 169 40.79 -3.18 -18.36
C LYS E 169 39.35 -3.35 -18.85
N LEU E 170 38.97 -2.63 -19.89
CA LEU E 170 37.66 -2.80 -20.52
C LEU E 170 37.74 -3.95 -21.52
N ILE E 171 36.68 -4.75 -21.64
CA ILE E 171 36.73 -5.90 -22.57
C ILE E 171 35.45 -6.04 -23.42
N TYR F 3 -62.30 43.18 6.11
CA TYR F 3 -61.41 44.08 5.31
C TYR F 3 -61.41 43.71 3.82
N GLU F 4 -60.71 44.52 3.03
CA GLU F 4 -60.38 44.17 1.66
C GLU F 4 -58.96 43.55 1.61
N LEU F 5 -58.88 42.31 1.11
CA LEU F 5 -57.66 41.51 1.11
C LEU F 5 -57.06 41.49 -0.28
N LEU F 6 -55.78 41.84 -0.37
CA LEU F 6 -55.03 41.68 -1.62
C LEU F 6 -53.75 40.90 -1.33
N ILE F 7 -53.56 39.79 -2.05
CA ILE F 7 -52.28 39.07 -2.07
C ILE F 7 -51.59 39.30 -3.42
N ARG F 8 -50.35 39.77 -3.38
CA ARG F 8 -49.60 39.95 -4.61
C ARG F 8 -48.11 39.84 -4.31
N GLU F 9 -47.32 39.77 -5.38
CA GLU F 9 -45.87 39.70 -5.22
C GLU F 9 -45.35 41.03 -4.68
N ALA F 10 -44.29 40.99 -3.88
CA ALA F 10 -43.71 42.18 -3.30
C ALA F 10 -42.98 42.96 -4.38
N GLU F 11 -43.15 44.29 -4.33
CA GLU F 11 -42.44 45.20 -5.20
C GLU F 11 -41.50 46.04 -4.35
N PRO F 12 -40.51 46.67 -5.00
CA PRO F 12 -39.52 47.48 -4.24
C PRO F 12 -40.13 48.65 -3.47
N LYS F 13 -41.25 49.18 -3.94
CA LYS F 13 -41.96 50.26 -3.24
C LYS F 13 -42.52 49.85 -1.88
N ASP F 14 -42.60 48.55 -1.60
CA ASP F 14 -43.12 48.03 -0.34
C ASP F 14 -42.03 47.94 0.72
N ALA F 15 -40.79 48.26 0.36
CA ALA F 15 -39.63 47.91 1.20
C ALA F 15 -39.70 48.53 2.61
N ALA F 16 -40.03 49.81 2.70
CA ALA F 16 -40.10 50.49 3.99
C ALA F 16 -41.21 49.93 4.89
N GLU F 17 -42.38 49.67 4.31
CA GLU F 17 -43.48 49.08 5.09
C GLU F 17 -43.24 47.62 5.49
N LEU F 18 -42.64 46.83 4.62
CA LEU F 18 -42.28 45.46 4.96
C LEU F 18 -41.24 45.40 6.09
N VAL F 19 -40.21 46.25 6.04
CA VAL F 19 -39.22 46.33 7.13
C VAL F 19 -39.95 46.65 8.42
N ALA F 20 -40.86 47.62 8.36
CA ALA F 20 -41.65 48.05 9.54
C ALA F 20 -42.48 46.90 10.08
N PHE F 21 -43.15 46.19 9.18
CA PHE F 21 -43.95 45.01 9.51
C PHE F 21 -43.12 43.90 10.17
N LEU F 22 -41.96 43.60 9.61
CA LEU F 22 -41.11 42.54 10.17
C LEU F 22 -40.60 42.92 11.55
N ASN F 23 -40.27 44.19 11.76
CA ASN F 23 -39.91 44.63 13.12
C ASN F 23 -41.06 44.52 14.13
N ARG F 24 -42.28 44.81 13.69
CA ARG F 24 -43.45 44.64 14.54
C ARG F 24 -43.68 43.14 14.92
N VAL F 25 -43.74 42.26 13.92
CA VAL F 25 -43.95 40.82 14.19
C VAL F 25 -42.79 40.25 14.99
N SER F 26 -41.58 40.75 14.74
CA SER F 26 -40.38 40.35 15.52
C SER F 26 -40.60 40.42 17.03
N LEU F 27 -41.38 41.40 17.48
CA LEU F 27 -41.73 41.60 18.87
C LEU F 27 -43.00 40.88 19.33
N GLU F 28 -43.74 40.23 18.44
CA GLU F 28 -44.99 39.54 18.84
C GLU F 28 -44.80 38.09 19.33
N THR F 29 -43.81 37.34 18.83
CA THR F 29 -43.57 35.95 19.28
C THR F 29 -42.09 35.63 19.27
N ASP F 30 -41.74 34.48 19.82
CA ASP F 30 -40.38 33.93 19.67
C ASP F 30 -40.38 32.57 18.95
N PHE F 31 -41.31 32.43 18.02
CA PHE F 31 -41.52 31.23 17.21
C PHE F 31 -40.60 31.09 15.98
N THR F 32 -40.00 32.18 15.51
CA THR F 32 -39.09 32.15 14.38
C THR F 32 -37.73 32.71 14.80
N SER F 33 -36.80 32.83 13.85
CA SER F 33 -35.44 33.32 14.16
C SER F 33 -35.42 34.75 14.62
N LEU F 34 -36.44 35.50 14.18
CA LEU F 34 -36.71 36.86 14.60
C LEU F 34 -36.90 37.00 16.12
N ASP F 35 -36.20 37.99 16.68
CA ASP F 35 -36.26 38.30 18.09
C ASP F 35 -36.38 39.81 18.26
N GLY F 36 -36.14 40.31 19.47
CA GLY F 36 -36.16 41.76 19.75
C GLY F 36 -35.23 42.63 18.93
N ASP F 37 -34.16 42.04 18.38
CA ASP F 37 -33.25 42.79 17.50
C ASP F 37 -33.85 43.11 16.14
N GLY F 38 -34.92 42.42 15.76
CA GLY F 38 -35.67 42.79 14.56
C GLY F 38 -35.06 42.22 13.30
N ILE F 39 -35.53 42.68 12.16
CA ILE F 39 -35.09 42.18 10.86
C ILE F 39 -33.67 42.66 10.54
N LEU F 40 -33.26 43.77 11.14
CA LEU F 40 -31.89 44.27 11.00
C LEU F 40 -31.52 44.55 9.54
N LEU F 41 -32.47 45.03 8.76
CA LEU F 41 -32.22 45.47 7.39
C LEU F 41 -32.68 46.90 7.31
N THR F 42 -31.96 47.73 6.56
CA THR F 42 -32.48 49.06 6.27
C THR F 42 -33.49 48.92 5.15
N SER F 43 -34.31 49.96 4.95
CA SER F 43 -35.25 50.00 3.84
C SER F 43 -34.57 49.80 2.48
N GLU F 44 -33.41 50.42 2.31
CA GLU F 44 -32.67 50.26 1.08
C GLU F 44 -32.19 48.84 0.90
N GLU F 45 -31.73 48.20 1.97
CA GLU F 45 -31.36 46.79 1.90
C GLU F 45 -32.52 45.89 1.52
N MET F 46 -33.70 46.10 2.09
CA MET F 46 -34.86 45.30 1.74
C MET F 46 -35.21 45.48 0.29
N GLU F 47 -35.10 46.71 -0.19
CA GLU F 47 -35.34 47.04 -1.59
C GLU F 47 -34.54 46.12 -2.51
N ILE F 48 -33.25 45.99 -2.22
CA ILE F 48 -32.31 45.09 -2.94
C ILE F 48 -32.77 43.60 -2.87
N PHE F 49 -33.14 43.14 -1.68
CA PHE F 49 -33.74 41.83 -1.54
C PHE F 49 -34.95 41.63 -2.44
N LEU F 50 -35.91 42.56 -2.38
CA LEU F 50 -37.17 42.40 -3.10
C LEU F 50 -37.00 42.37 -4.63
N ASN F 51 -36.03 43.13 -5.13
CA ASN F 51 -35.69 43.11 -6.55
C ASN F 51 -35.17 41.73 -6.94
N LYS F 52 -34.23 41.24 -6.15
CA LYS F 52 -33.70 39.87 -6.30
C LYS F 52 -34.78 38.82 -6.36
N GLN F 53 -35.71 38.82 -5.40
CA GLN F 53 -36.76 37.80 -5.37
C GLN F 53 -37.63 37.87 -6.61
N ALA F 54 -37.89 39.10 -7.08
CA ALA F 54 -38.80 39.32 -8.21
C ALA F 54 -38.19 38.77 -9.53
N SER F 55 -36.87 38.88 -9.68
CA SER F 55 -36.18 38.43 -10.89
C SER F 55 -35.72 36.99 -10.85
N SER F 56 -35.84 36.34 -9.69
CA SER F 56 -35.45 34.95 -9.52
C SER F 56 -36.59 34.03 -9.95
N ASP F 57 -36.26 33.02 -10.74
CA ASP F 57 -37.23 32.03 -11.21
C ASP F 57 -37.63 30.94 -10.17
N ASN F 58 -36.84 30.78 -9.10
CA ASN F 58 -37.17 29.78 -8.07
C ASN F 58 -37.37 30.35 -6.65
N GLN F 59 -37.54 31.66 -6.58
CA GLN F 59 -37.75 32.36 -5.34
C GLN F 59 -38.87 33.39 -5.48
N ILE F 60 -39.61 33.62 -4.39
CA ILE F 60 -40.68 34.61 -4.42
C ILE F 60 -40.96 35.16 -3.03
N THR F 61 -41.40 36.42 -2.97
CA THR F 61 -41.95 37.03 -1.77
C THR F 61 -43.37 37.53 -2.08
N LEU F 62 -44.38 36.98 -1.39
CA LEU F 62 -45.78 37.40 -1.51
C LEU F 62 -46.22 38.08 -0.23
N LEU F 63 -47.03 39.10 -0.39
CA LEU F 63 -47.53 39.90 0.72
C LEU F 63 -49.05 39.87 0.71
N ALA F 64 -49.63 39.84 1.90
CA ALA F 64 -51.06 39.98 2.09
C ALA F 64 -51.30 41.40 2.58
N PHE F 65 -52.02 42.19 1.79
CA PHE F 65 -52.41 43.54 2.21
C PHE F 65 -53.84 43.51 2.67
N LEU F 66 -54.06 44.04 3.87
CA LEU F 66 -55.37 44.15 4.46
C LEU F 66 -55.69 45.64 4.52
N ASN F 67 -56.67 46.06 3.72
CA ASN F 67 -56.96 47.49 3.53
C ASN F 67 -55.71 48.33 3.19
N GLY F 68 -54.85 47.80 2.32
CA GLY F 68 -53.67 48.52 1.87
C GLY F 68 -52.45 48.41 2.79
N LYS F 69 -52.64 47.84 3.99
CA LYS F 69 -51.54 47.63 4.94
C LYS F 69 -51.06 46.17 4.98
N ILE F 70 -49.76 45.97 4.96
CA ILE F 70 -49.26 44.57 4.91
C ILE F 70 -49.57 43.89 6.26
N ALA F 71 -50.26 42.76 6.16
CA ALA F 71 -50.66 41.94 7.32
C ALA F 71 -49.96 40.57 7.38
N GLY F 72 -49.38 40.15 6.24
CA GLY F 72 -48.63 38.89 6.17
C GLY F 72 -47.60 38.86 5.05
N ILE F 73 -46.66 37.94 5.16
CA ILE F 73 -45.64 37.65 4.14
C ILE F 73 -45.42 36.13 4.09
N VAL F 74 -45.36 35.58 2.88
CA VAL F 74 -44.69 34.32 2.60
C VAL F 74 -43.44 34.58 1.80
N ASN F 75 -42.40 33.84 2.14
CA ASN F 75 -41.15 33.93 1.46
C ASN F 75 -40.73 32.54 1.06
N ILE F 76 -40.34 32.37 -0.20
CA ILE F 76 -39.60 31.17 -0.64
C ILE F 76 -38.23 31.62 -1.09
N THR F 77 -37.19 31.10 -0.43
CA THR F 77 -35.81 31.28 -0.89
C THR F 77 -35.24 29.91 -1.32
N ALA F 78 -34.23 29.94 -2.18
CA ALA F 78 -33.66 28.75 -2.79
C ALA F 78 -32.23 29.06 -3.15
N ASP F 79 -31.38 28.06 -3.11
CA ASP F 79 -30.04 28.14 -3.69
C ASP F 79 -30.08 27.80 -5.17
N GLN F 80 -29.03 28.18 -5.87
CA GLN F 80 -29.03 28.24 -7.32
C GLN F 80 -28.25 27.11 -7.98
N ARG F 81 -27.42 26.40 -7.21
CA ARG F 81 -26.73 25.19 -7.74
C ARG F 81 -27.68 24.08 -8.08
N LYS F 82 -27.35 23.32 -9.11
CA LYS F 82 -28.28 22.32 -9.66
C LYS F 82 -28.62 21.20 -8.67
N ARG F 83 -27.69 20.88 -7.76
CA ARG F 83 -27.95 19.87 -6.74
C ARG F 83 -29.24 20.16 -5.99
N VAL F 84 -29.52 21.45 -5.76
CA VAL F 84 -30.55 21.86 -4.80
C VAL F 84 -31.49 22.98 -5.23
N ARG F 85 -31.46 23.40 -6.49
CA ARG F 85 -32.23 24.56 -6.91
C ARG F 85 -33.72 24.28 -7.02
N HIS F 86 -34.08 23.01 -6.96
CA HIS F 86 -35.48 22.60 -6.92
C HIS F 86 -36.14 22.71 -5.52
N ILE F 87 -35.38 23.14 -4.51
CA ILE F 87 -35.79 23.12 -3.11
C ILE F 87 -35.98 24.57 -2.67
N GLY F 88 -37.24 24.88 -2.33
CA GLY F 88 -37.65 26.16 -1.69
C GLY F 88 -37.75 26.06 -0.16
N ASP F 89 -37.05 26.97 0.52
CA ASP F 89 -37.13 27.16 1.96
C ASP F 89 -38.22 28.19 2.30
N LEU F 90 -39.18 27.79 3.11
CA LEU F 90 -40.41 28.56 3.26
C LEU F 90 -40.44 29.27 4.62
N PHE F 91 -40.87 30.53 4.61
CA PHE F 91 -41.00 31.35 5.78
C PHE F 91 -42.30 32.11 5.64
N ILE F 92 -43.16 32.01 6.64
CA ILE F 92 -44.42 32.73 6.63
C ILE F 92 -44.61 33.32 8.04
N VAL F 93 -45.00 34.58 8.09
CA VAL F 93 -45.41 35.19 9.35
C VAL F 93 -46.61 36.11 9.08
N ILE F 94 -47.61 36.06 9.94
CA ILE F 94 -48.70 37.01 9.87
C ILE F 94 -48.78 37.80 11.20
N GLY F 95 -49.27 39.03 11.12
CA GLY F 95 -49.43 39.84 12.34
C GLY F 95 -50.38 39.17 13.33
N LYS F 96 -50.02 39.22 14.61
CA LYS F 96 -50.75 38.53 15.69
C LYS F 96 -52.24 38.90 15.75
N ARG F 97 -52.52 40.18 15.55
CA ARG F 97 -53.87 40.70 15.50
C ARG F 97 -54.74 40.04 14.44
N TYR F 98 -54.14 39.42 13.42
CA TYR F 98 -54.93 38.81 12.34
C TYR F 98 -54.86 37.29 12.29
N TRP F 99 -54.34 36.67 13.35
CA TRP F 99 -54.30 35.19 13.42
C TRP F 99 -55.69 34.59 13.41
N ASN F 100 -55.76 33.34 12.93
CA ASN F 100 -57.00 32.53 12.96
C ASN F 100 -58.16 33.11 12.15
N ASN F 101 -57.79 33.71 11.02
CA ASN F 101 -58.73 34.26 10.07
C ASN F 101 -58.51 33.71 8.65
N GLY F 102 -57.61 32.74 8.50
CA GLY F 102 -57.34 32.16 7.20
C GLY F 102 -56.31 32.88 6.33
N LEU F 103 -55.63 33.90 6.85
CA LEU F 103 -54.57 34.58 6.07
C LEU F 103 -53.41 33.64 5.76
N GLY F 104 -52.91 32.96 6.80
CA GLY F 104 -51.85 31.96 6.66
C GLY F 104 -52.10 30.93 5.56
N SER F 105 -53.27 30.32 5.58
CA SER F 105 -53.64 29.33 4.55
C SER F 105 -53.72 29.92 3.16
N LEU F 106 -54.24 31.12 3.06
CA LEU F 106 -54.35 31.82 1.77
C LEU F 106 -52.98 32.16 1.17
N LEU F 107 -52.09 32.68 2.00
CA LEU F 107 -50.73 32.99 1.57
C LEU F 107 -49.98 31.72 1.21
N LEU F 108 -50.08 30.72 2.10
CA LEU F 108 -49.42 29.45 1.90
C LEU F 108 -49.91 28.73 0.64
N GLU F 109 -51.22 28.71 0.39
CA GLU F 109 -51.70 28.08 -0.85
C GLU F 109 -51.21 28.86 -2.07
N GLU F 110 -51.11 30.17 -1.94
CA GLU F 110 -50.62 31.04 -3.02
C GLU F 110 -49.18 30.75 -3.36
N ALA F 111 -48.35 30.63 -2.33
CA ALA F 111 -46.96 30.25 -2.51
C ALA F 111 -46.83 28.84 -3.13
N ILE F 112 -47.68 27.91 -2.68
CA ILE F 112 -47.61 26.54 -3.14
C ILE F 112 -47.90 26.47 -4.63
N GLU F 113 -48.95 27.15 -5.10
CA GLU F 113 -49.25 27.08 -6.53
C GLU F 113 -48.26 27.86 -7.42
N TRP F 114 -47.66 28.93 -6.90
CA TRP F 114 -46.59 29.58 -7.64
C TRP F 114 -45.39 28.63 -7.86
N ALA F 115 -45.06 27.88 -6.80
CA ALA F 115 -43.96 26.92 -6.84
C ALA F 115 -44.28 25.84 -7.86
N GLN F 116 -45.50 25.30 -7.78
CA GLN F 116 -46.02 24.35 -8.76
C GLN F 116 -45.90 24.89 -10.17
N ALA F 117 -46.28 26.15 -10.36
CA ALA F 117 -46.21 26.78 -11.67
C ALA F 117 -44.78 27.08 -12.15
N SER F 118 -43.82 27.18 -11.24
CA SER F 118 -42.44 27.57 -11.59
C SER F 118 -41.81 26.63 -12.60
N GLY F 119 -42.20 25.35 -12.55
CA GLY F 119 -41.49 24.34 -13.30
C GLY F 119 -40.10 23.98 -12.78
N ILE F 120 -39.64 24.61 -11.70
CA ILE F 120 -38.28 24.38 -11.16
C ILE F 120 -38.29 23.78 -9.75
N LEU F 121 -39.14 24.33 -8.88
CA LEU F 121 -39.24 23.84 -7.50
C LEU F 121 -39.95 22.49 -7.54
N ARG F 122 -39.33 21.48 -6.92
CA ARG F 122 -39.95 20.15 -6.77
C ARG F 122 -40.03 19.74 -5.32
N ARG F 123 -39.60 20.63 -4.43
CA ARG F 123 -39.69 20.36 -3.02
C ARG F 123 -39.79 21.67 -2.28
N LEU F 124 -40.66 21.71 -1.26
CA LEU F 124 -40.71 22.84 -0.32
C LEU F 124 -40.36 22.33 1.07
N GLN F 125 -39.69 23.13 1.88
CA GLN F 125 -39.29 22.67 3.21
C GLN F 125 -39.16 23.79 4.21
N LEU F 126 -39.11 23.42 5.48
CA LEU F 126 -38.92 24.38 6.56
C LEU F 126 -38.63 23.64 7.84
N THR F 127 -38.15 24.36 8.85
CA THR F 127 -38.07 23.80 10.18
C THR F 127 -38.99 24.58 11.08
N VAL F 128 -39.63 23.91 12.03
CA VAL F 128 -40.63 24.56 12.89
C VAL F 128 -40.46 24.08 14.34
N GLN F 129 -40.56 25.00 15.28
CA GLN F 129 -40.46 24.63 16.68
C GLN F 129 -41.53 23.59 16.99
N THR F 130 -41.16 22.46 17.61
CA THR F 130 -42.11 21.39 17.94
C THR F 130 -43.30 21.90 18.74
N ARG F 131 -43.03 22.84 19.64
CA ARG F 131 -44.08 23.50 20.43
C ARG F 131 -45.02 24.39 19.62
N ASN F 132 -44.59 24.88 18.45
CA ASN F 132 -45.39 25.81 17.64
C ASN F 132 -46.45 25.05 16.86
N GLN F 133 -47.46 24.60 17.58
CA GLN F 133 -48.44 23.67 17.01
C GLN F 133 -49.42 24.33 16.01
N ALA F 134 -49.70 25.63 16.17
CA ALA F 134 -50.44 26.36 15.14
C ALA F 134 -49.76 26.18 13.77
N ALA F 135 -48.46 26.45 13.75
CA ALA F 135 -47.68 26.38 12.53
C ALA F 135 -47.64 24.92 12.03
N VAL F 136 -47.36 23.96 12.92
CA VAL F 136 -47.25 22.57 12.41
C VAL F 136 -48.58 22.10 11.81
N HIS F 137 -49.70 22.50 12.41
CA HIS F 137 -51.04 22.26 11.85
C HIS F 137 -51.26 22.91 10.50
N LEU F 138 -51.00 24.21 10.41
CA LEU F 138 -51.08 24.92 9.13
C LEU F 138 -50.33 24.19 8.05
N TYR F 139 -49.10 23.80 8.35
CA TYR F 139 -48.26 23.16 7.36
C TYR F 139 -48.74 21.74 7.01
N GLN F 140 -49.13 20.95 8.02
CA GLN F 140 -49.76 19.65 7.78
C GLN F 140 -51.03 19.75 6.94
N LYS F 141 -51.84 20.79 7.18
CA LYS F 141 -53.06 21.04 6.41
C LYS F 141 -52.80 21.24 4.92
N HIS F 142 -51.64 21.78 4.57
CA HIS F 142 -51.32 22.00 3.16
C HIS F 142 -50.40 20.96 2.58
N GLY F 143 -50.24 19.83 3.29
CA GLY F 143 -49.57 18.65 2.74
C GLY F 143 -48.10 18.50 3.09
N PHE F 144 -47.59 19.33 3.99
CA PHE F 144 -46.23 19.12 4.54
C PHE F 144 -46.31 18.02 5.58
N VAL F 145 -45.24 17.26 5.75
CA VAL F 145 -45.12 16.23 6.78
C VAL F 145 -43.84 16.36 7.56
N ILE F 146 -43.87 15.98 8.84
CA ILE F 146 -42.68 15.96 9.69
C ILE F 146 -41.76 14.85 9.16
N GLU F 147 -40.49 15.19 8.96
CA GLU F 147 -39.49 14.27 8.41
C GLU F 147 -38.43 13.88 9.43
N GLY F 148 -38.42 14.58 10.55
CA GLY F 148 -37.47 14.31 11.58
C GLY F 148 -37.58 15.43 12.58
N SER F 149 -36.76 15.37 13.60
CA SER F 149 -36.69 16.41 14.58
C SER F 149 -35.25 16.51 15.02
N GLN F 150 -34.93 17.66 15.61
CA GLN F 150 -33.58 18.01 15.93
C GLN F 150 -33.58 18.69 17.28
N GLU F 151 -32.86 18.11 18.22
CA GLU F 151 -32.62 18.75 19.52
C GLU F 151 -31.76 20.00 19.35
N ARG F 152 -32.06 20.99 20.18
CA ARG F 152 -31.41 22.31 20.15
C ARG F 152 -31.49 22.97 18.79
N GLY F 153 -32.62 22.82 18.11
CA GLY F 153 -32.85 23.48 16.85
C GLY F 153 -33.12 24.95 17.01
N ALA F 154 -33.44 25.37 18.23
CA ALA F 154 -33.74 26.78 18.54
C ALA F 154 -33.39 27.14 19.97
N TYR F 155 -33.00 28.40 20.18
CA TYR F 155 -32.62 28.87 21.50
C TYR F 155 -33.58 29.99 21.91
N ILE F 156 -34.13 29.85 23.12
CA ILE F 156 -35.24 30.67 23.62
C ILE F 156 -35.03 31.12 25.07
N GLU F 157 -35.61 32.27 25.42
CA GLU F 157 -35.78 32.76 26.82
C GLU F 157 -34.64 32.48 27.81
N LYS F 160 -32.43 28.34 27.48
CA LYS F 160 -33.30 27.25 27.02
C LYS F 160 -33.23 26.84 25.50
N PHE F 161 -32.88 25.58 25.26
CA PHE F 161 -32.89 24.99 23.92
C PHE F 161 -34.15 24.18 23.72
N ILE F 162 -34.73 24.26 22.53
CA ILE F 162 -35.94 23.50 22.22
C ILE F 162 -35.76 22.78 20.88
N ASP F 163 -36.59 21.75 20.67
CA ASP F 163 -36.54 20.95 19.46
C ASP F 163 -37.30 21.62 18.32
N VAL F 164 -36.93 21.22 17.10
CA VAL F 164 -37.62 21.65 15.91
C VAL F 164 -37.97 20.43 15.09
N TYR F 165 -39.06 20.53 14.35
CA TYR F 165 -39.33 19.55 13.32
C TYR F 165 -38.74 20.03 12.02
N LEU F 166 -38.27 19.08 11.23
CA LEU F 166 -37.94 19.32 9.85
C LEU F 166 -39.17 18.88 9.07
N MET F 167 -39.73 19.77 8.25
CA MET F 167 -40.92 19.45 7.46
C MET F 167 -40.72 19.63 5.96
N GLY F 168 -41.38 18.82 5.16
CA GLY F 168 -41.30 18.95 3.71
C GLY F 168 -42.55 18.56 2.95
N LYS F 169 -42.64 19.07 1.73
CA LYS F 169 -43.70 18.75 0.78
C LYS F 169 -43.05 18.60 -0.61
N LEU F 170 -43.46 17.58 -1.34
CA LEU F 170 -43.00 17.37 -2.70
C LEU F 170 -43.99 18.08 -3.59
N ILE F 171 -43.50 18.78 -4.61
CA ILE F 171 -44.38 19.44 -5.56
C ILE F 171 -44.02 18.94 -6.96
N GLY F 172 -45.02 18.83 -7.84
CA GLY F 172 -44.88 18.04 -9.08
C GLY F 172 -44.98 16.53 -8.85
#